data_4YUB
#
_entry.id   4YUB
#
_cell.length_a   88.018
_cell.length_b   101.091
_cell.length_c   125.144
_cell.angle_alpha   90.00
_cell.angle_beta   90.00
_cell.angle_gamma   90.00
#
_symmetry.space_group_name_H-M   'P 21 21 21'
#
loop_
_entity.id
_entity.type
_entity.pdbx_description
1 polymer 'Nicotinate phosphoribosyltransferase'
2 water water
#
_entity_poly.entity_id   1
_entity_poly.type   'polypeptide(L)'
_entity_poly.pdbx_seq_one_letter_code
;MAAEQDPEARAAARPLLTDLYQATMALGYWRAGRARDAAEFELFFRRCPFGGAFALAAGLRDCVRFLRAFRLRDADVQFL
ASVLPPDTDPAFFEHLRALDCSEVTVRALPEGSLAFPGVPLLQVSGPLLVVQLLETPLLCLVSYASLVATNAARLRLIAG
PEKRLLEMGLRRAQGPDGGLTASTYSYLGGFDSSSNVLAGQLRGVPVAGTLAHSFVTSFSGSEVPPDPMLAPAAGEGPGV
DLAAKAQVWLEQVCAHLGLGVQEPHPGERAAFVAYALAFPRAFQGLLDTYSVWRSGLPNFLAVALALGELGYRAVGVRLD
SGDLLQQAQEIRKVFRAAAAQFQVPWLESVLIVVSNNIDEEALARLAQEGSEVNVIGIGTSVVTCPQQPSLGGVYKLVAV
GGQPRMKLTEDPEKQTLPGSKAAFRLLGSDGSPLMDMLQLAEEPVPQAGQELRVWPPGAQEPCTVRPAQVEPLLRLCLQQ
GQLCEPLPSLAESRALAQLSLSRLSPEHRRLRSPAQYQVVLSERLQALVNSLCAGQSP
;
_entity_poly.pdbx_strand_id   A,B
#
# COMPACT_ATOMS: atom_id res chain seq x y z
N LEU A 16 -9.47 -14.62 -30.14
CA LEU A 16 -10.44 -15.04 -31.16
C LEU A 16 -10.12 -14.19 -32.42
N LEU A 17 -10.73 -14.57 -33.53
CA LEU A 17 -10.52 -13.89 -34.80
C LEU A 17 -11.87 -13.56 -35.39
N THR A 18 -12.08 -12.27 -35.63
CA THR A 18 -13.40 -11.66 -35.65
C THR A 18 -13.76 -11.03 -36.98
N ASP A 19 -12.77 -10.78 -37.84
CA ASP A 19 -12.99 -10.18 -39.16
C ASP A 19 -12.14 -10.84 -40.24
N LEU A 20 -12.68 -10.78 -41.46
CA LEU A 20 -12.24 -11.64 -42.54
C LEU A 20 -10.76 -11.44 -42.83
N TYR A 21 -10.33 -10.19 -42.88
CA TYR A 21 -9.05 -9.88 -43.44
C TYR A 21 -7.94 -10.39 -42.54
N GLN A 22 -8.28 -10.69 -41.28
CA GLN A 22 -7.33 -11.29 -40.35
C GLN A 22 -6.98 -12.64 -40.84
N ALA A 23 -8.00 -13.34 -41.28
CA ALA A 23 -7.88 -14.71 -41.77
C ALA A 23 -7.31 -14.74 -43.16
N THR A 24 -7.80 -13.83 -43.98
CA THR A 24 -7.16 -13.49 -45.22
C THR A 24 -5.66 -13.35 -45.06
N MET A 25 -5.20 -12.44 -44.20
CA MET A 25 -3.80 -12.12 -44.22
C MET A 25 -3.01 -13.24 -43.51
N ALA A 26 -3.64 -13.97 -42.62
CA ALA A 26 -3.03 -15.21 -42.17
C ALA A 26 -2.69 -16.13 -43.37
N LEU A 27 -3.71 -16.39 -44.18
CA LEU A 27 -3.59 -17.34 -45.28
C LEU A 27 -2.47 -16.88 -46.20
N GLY A 28 -2.47 -15.58 -46.53
CA GLY A 28 -1.33 -14.87 -47.12
C GLY A 28 0.01 -15.29 -46.58
N TYR A 29 0.19 -15.20 -45.29
CA TYR A 29 1.49 -15.56 -44.72
C TYR A 29 1.79 -17.05 -44.86
N TRP A 30 0.81 -17.88 -44.52
CA TRP A 30 0.93 -19.30 -44.75
C TRP A 30 1.45 -19.57 -46.14
N ARG A 31 0.68 -19.13 -47.11
CA ARG A 31 0.94 -19.46 -48.48
C ARG A 31 2.33 -19.01 -48.88
N ALA A 32 2.81 -17.92 -48.33
CA ALA A 32 4.11 -17.39 -48.78
C ALA A 32 5.32 -17.93 -47.98
N GLY A 33 5.11 -18.97 -47.18
CA GLY A 33 6.16 -19.57 -46.38
C GLY A 33 6.64 -18.68 -45.25
N ARG A 34 5.75 -17.89 -44.67
CA ARG A 34 6.15 -16.88 -43.71
C ARG A 34 5.41 -17.08 -42.39
N ALA A 35 4.61 -18.12 -42.27
CA ALA A 35 3.68 -18.20 -41.14
C ALA A 35 4.40 -18.48 -39.84
N ARG A 36 5.52 -19.21 -39.91
CA ARG A 36 6.38 -19.46 -38.73
C ARG A 36 7.63 -18.62 -38.63
N ASP A 37 7.86 -17.73 -39.60
CA ASP A 37 8.83 -16.62 -39.44
C ASP A 37 8.76 -15.90 -38.07
N ALA A 38 9.92 -15.67 -37.45
CA ALA A 38 9.97 -15.04 -36.13
C ALA A 38 9.74 -13.56 -36.24
N ALA A 39 8.55 -13.09 -35.85
CA ALA A 39 8.30 -11.64 -35.79
C ALA A 39 8.40 -11.15 -34.39
N GLU A 40 8.81 -9.88 -34.21
CA GLU A 40 8.44 -9.08 -33.05
C GLU A 40 7.52 -7.88 -33.34
N PHE A 41 6.49 -7.68 -32.51
CA PHE A 41 5.58 -6.50 -32.61
C PHE A 41 5.57 -5.61 -31.37
N GLU A 42 5.17 -4.36 -31.55
CA GLU A 42 5.15 -3.39 -30.46
C GLU A 42 3.78 -2.80 -30.43
N LEU A 43 3.13 -2.93 -29.28
CA LEU A 43 1.92 -2.19 -28.97
C LEU A 43 2.27 -0.90 -28.20
N PHE A 44 1.94 0.26 -28.76
CA PHE A 44 2.15 1.55 -28.07
C PHE A 44 1.08 2.52 -28.51
N PHE A 45 1.01 3.69 -27.89
CA PHE A 45 -0.07 4.62 -28.22
C PHE A 45 0.43 5.99 -28.67
N ARG A 46 -0.43 6.73 -29.35
CA ARG A 46 -0.04 7.94 -30.05
C ARG A 46 -0.58 9.23 -29.37
N ARG A 47 -1.70 9.14 -28.64
CA ARG A 47 -2.49 10.34 -28.31
C ARG A 47 -2.45 10.65 -26.79
N CYS A 48 -2.19 11.93 -26.48
CA CYS A 48 -2.59 12.63 -25.21
C CYS A 48 -4.11 12.51 -24.79
N PRO A 49 -4.53 11.40 -24.10
CA PRO A 49 -5.98 11.17 -23.81
C PRO A 49 -6.61 12.08 -22.74
N PHE A 50 -7.83 12.55 -23.02
CA PHE A 50 -8.46 13.67 -22.27
C PHE A 50 -7.58 14.90 -22.25
N GLY A 51 -6.54 14.85 -23.09
CA GLY A 51 -5.61 15.94 -23.29
C GLY A 51 -4.54 16.03 -22.22
N GLY A 52 -4.46 15.04 -21.33
CA GLY A 52 -3.32 14.93 -20.41
C GLY A 52 -2.11 14.43 -21.15
N ALA A 53 -0.98 14.27 -20.45
CA ALA A 53 0.30 13.81 -21.08
C ALA A 53 0.56 12.28 -21.01
N PHE A 54 -0.14 11.61 -20.10
CA PHE A 54 0.11 10.21 -19.75
C PHE A 54 -1.16 9.32 -19.75
N ALA A 55 -0.93 7.99 -19.72
CA ALA A 55 -1.95 6.93 -19.51
C ALA A 55 -1.50 6.08 -18.35
N LEU A 56 -2.41 5.33 -17.72
CA LEU A 56 -2.03 4.18 -16.88
C LEU A 56 -2.00 2.91 -17.68
N ALA A 57 -0.86 2.25 -17.72
CA ALA A 57 -0.80 0.94 -18.31
C ALA A 57 -1.67 -0.05 -17.55
N ALA A 58 -2.56 -0.73 -18.27
CA ALA A 58 -3.55 -1.65 -17.70
C ALA A 58 -4.07 -2.69 -18.71
N GLY A 59 -4.48 -3.84 -18.18
CA GLY A 59 -5.10 -4.88 -18.96
C GLY A 59 -4.16 -6.04 -19.21
N LEU A 60 -3.06 -6.15 -18.46
CA LEU A 60 -2.29 -7.39 -18.47
C LEU A 60 -3.07 -8.58 -17.87
N ARG A 61 -3.94 -8.32 -16.91
CA ARG A 61 -4.70 -9.36 -16.21
C ARG A 61 -5.54 -10.19 -17.16
N ASP A 62 -6.05 -9.55 -18.21
CA ASP A 62 -7.06 -10.16 -19.09
C ASP A 62 -6.41 -10.86 -20.30
N CYS A 63 -5.39 -10.24 -20.91
CA CYS A 63 -4.62 -10.85 -21.97
C CYS A 63 -4.15 -12.24 -21.56
N VAL A 64 -3.74 -12.41 -20.31
CA VAL A 64 -3.12 -13.66 -19.90
C VAL A 64 -4.18 -14.73 -19.56
N ARG A 65 -5.23 -14.38 -18.82
CA ARG A 65 -6.36 -15.32 -18.65
C ARG A 65 -6.88 -15.78 -20.01
N PHE A 66 -6.97 -14.81 -20.90
CA PHE A 66 -7.48 -15.03 -22.23
C PHE A 66 -6.63 -16.03 -23.00
N LEU A 67 -5.31 -15.92 -22.91
CA LEU A 67 -4.45 -16.90 -23.60
C LEU A 67 -4.45 -18.21 -22.81
N ARG A 68 -5.65 -18.68 -22.42
CA ARG A 68 -6.17 -19.95 -22.90
C ARG A 68 -7.54 -19.93 -23.61
N ALA A 69 -8.44 -19.03 -23.19
CA ALA A 69 -9.77 -18.92 -23.80
C ALA A 69 -9.80 -18.37 -25.25
N PHE A 70 -8.95 -18.95 -26.12
CA PHE A 70 -8.91 -18.57 -27.53
C PHE A 70 -9.79 -19.47 -28.43
N ARG A 71 -10.57 -20.39 -27.84
CA ARG A 71 -10.06 -21.63 -27.23
C ARG A 71 -9.67 -22.74 -28.23
N LEU A 72 -10.63 -23.18 -29.05
CA LEU A 72 -10.35 -23.93 -30.30
C LEU A 72 -11.19 -23.40 -31.52
N ARG A 73 -12.51 -23.27 -31.35
CA ARG A 73 -13.43 -24.31 -31.78
C ARG A 73 -13.37 -24.53 -33.29
N ASP A 74 -13.70 -25.76 -33.68
CA ASP A 74 -13.48 -26.26 -35.04
C ASP A 74 -14.52 -25.69 -35.96
N ALA A 75 -15.71 -25.42 -35.41
CA ALA A 75 -16.79 -24.88 -36.21
C ALA A 75 -16.57 -23.44 -36.60
N ASP A 76 -15.61 -22.77 -35.98
CA ASP A 76 -15.22 -21.44 -36.42
C ASP A 76 -14.30 -21.59 -37.60
N VAL A 77 -13.41 -22.58 -37.51
CA VAL A 77 -12.53 -22.92 -38.63
C VAL A 77 -13.31 -23.39 -39.86
N GLN A 78 -14.47 -24.02 -39.64
CA GLN A 78 -15.31 -24.48 -40.75
C GLN A 78 -16.09 -23.35 -41.41
N PHE A 79 -16.44 -22.30 -40.67
CA PHE A 79 -17.06 -21.16 -41.31
C PHE A 79 -16.08 -20.46 -42.26
N LEU A 80 -14.95 -19.98 -41.75
CA LEU A 80 -13.74 -19.93 -42.57
C LEU A 80 -13.68 -21.19 -43.40
N ALA A 81 -12.89 -21.18 -44.44
CA ALA A 81 -12.96 -22.25 -45.37
C ALA A 81 -14.11 -22.15 -46.37
N SER A 82 -15.16 -21.36 -46.05
CA SER A 82 -15.74 -20.21 -46.80
C SER A 82 -15.14 -18.80 -46.39
N VAL A 83 -13.87 -18.81 -45.97
CA VAL A 83 -12.82 -17.95 -46.54
C VAL A 83 -13.02 -17.82 -48.02
N LEU A 84 -13.24 -18.96 -48.65
CA LEU A 84 -13.88 -19.05 -49.95
C LEU A 84 -12.95 -19.53 -51.07
N PRO A 85 -11.62 -19.60 -50.82
CA PRO A 85 -10.91 -20.44 -51.78
C PRO A 85 -11.06 -21.91 -51.39
N PRO A 86 -11.80 -22.72 -52.21
CA PRO A 86 -12.29 -23.96 -51.64
C PRO A 86 -11.38 -25.15 -51.92
N ASP A 87 -10.71 -25.14 -53.08
CA ASP A 87 -9.33 -24.64 -53.33
C ASP A 87 -8.28 -24.75 -52.21
N THR A 88 -8.58 -24.24 -51.05
CA THR A 88 -7.58 -23.84 -50.11
C THR A 88 -6.66 -24.89 -49.54
N ASP A 89 -5.39 -24.52 -49.54
CA ASP A 89 -4.26 -25.29 -49.09
C ASP A 89 -4.54 -26.59 -48.42
N PRO A 90 -3.82 -27.67 -48.99
CA PRO A 90 -4.10 -29.03 -48.56
C PRO A 90 -4.97 -29.28 -47.36
N ALA A 91 -6.07 -28.56 -47.32
CA ALA A 91 -6.84 -28.44 -46.12
C ALA A 91 -5.93 -28.16 -44.95
N PHE A 92 -5.06 -27.18 -45.09
CA PHE A 92 -4.28 -26.84 -43.93
C PHE A 92 -4.77 -25.60 -43.20
N PHE A 93 -5.99 -25.78 -42.69
CA PHE A 93 -6.55 -25.14 -41.52
C PHE A 93 -6.23 -25.90 -40.24
N GLU A 94 -5.35 -26.86 -40.32
CA GLU A 94 -4.98 -27.65 -39.17
C GLU A 94 -4.05 -26.87 -38.26
N HIS A 95 -3.16 -26.11 -38.87
CA HIS A 95 -2.44 -25.04 -38.20
C HIS A 95 -3.37 -24.25 -37.34
N LEU A 96 -4.56 -24.02 -37.89
CA LEU A 96 -5.53 -23.14 -37.26
C LEU A 96 -6.12 -23.78 -36.03
N ARG A 97 -6.42 -25.06 -36.13
CA ARG A 97 -6.91 -25.80 -34.97
C ARG A 97 -5.79 -26.22 -34.06
N ALA A 98 -4.58 -25.72 -34.32
CA ALA A 98 -3.37 -26.23 -33.68
C ALA A 98 -2.65 -25.21 -32.78
N LEU A 99 -3.29 -24.05 -32.66
CA LEU A 99 -2.66 -22.79 -32.43
C LEU A 99 -2.72 -22.67 -30.99
N ASP A 100 -1.82 -21.89 -30.41
CA ASP A 100 -1.51 -22.14 -29.04
C ASP A 100 -0.95 -20.98 -28.30
N CYS A 101 -0.42 -19.98 -28.99
CA CYS A 101 0.14 -18.87 -28.26
C CYS A 101 1.20 -19.40 -27.28
N SER A 102 1.94 -20.39 -27.73
CA SER A 102 3.24 -20.85 -27.18
C SER A 102 4.34 -20.58 -28.22
N GLU A 103 5.62 -20.55 -27.91
CA GLU A 103 6.45 -19.83 -28.81
C GLU A 103 6.19 -18.37 -28.78
N VAL A 104 5.12 -17.95 -28.14
CA VAL A 104 4.91 -16.56 -27.94
C VAL A 104 5.54 -16.14 -26.64
N THR A 105 6.18 -14.99 -26.72
CA THR A 105 6.94 -14.39 -25.66
C THR A 105 6.49 -12.92 -25.59
N VAL A 106 6.11 -12.48 -24.40
CA VAL A 106 5.72 -11.13 -24.14
C VAL A 106 6.56 -10.45 -23.07
N ARG A 107 6.77 -9.16 -23.27
CA ARG A 107 7.28 -8.27 -22.24
C ARG A 107 6.33 -7.14 -22.06
N ALA A 108 6.21 -6.64 -20.84
CA ALA A 108 5.12 -5.73 -20.46
C ALA A 108 5.59 -4.69 -19.45
N LEU A 109 5.28 -3.43 -19.68
CA LEU A 109 5.03 -2.54 -18.56
C LEU A 109 4.17 -3.29 -17.57
N PRO A 110 4.55 -3.26 -16.28
CA PRO A 110 3.60 -3.72 -15.27
C PRO A 110 2.43 -2.78 -15.10
N GLU A 111 1.42 -3.23 -14.36
CA GLU A 111 0.14 -2.56 -14.32
C GLU A 111 0.29 -1.30 -13.50
N GLY A 112 -0.36 -0.23 -13.92
CA GLY A 112 -0.40 0.96 -13.11
C GLY A 112 0.81 1.84 -13.32
N SER A 113 1.77 1.39 -14.13
CA SER A 113 2.97 2.19 -14.35
C SER A 113 2.42 3.20 -15.27
N LEU A 114 2.92 4.42 -15.22
CA LEU A 114 2.53 5.42 -16.22
C LEU A 114 3.14 5.11 -17.55
N ALA A 115 2.43 5.58 -18.57
CA ALA A 115 2.77 5.33 -19.91
C ALA A 115 2.60 6.60 -20.72
N PHE A 116 3.48 6.75 -21.70
CA PHE A 116 3.62 7.97 -22.45
C PHE A 116 3.66 7.53 -23.88
N PRO A 117 3.18 8.41 -24.79
CA PRO A 117 3.14 8.07 -26.19
C PRO A 117 4.52 8.05 -26.75
N GLY A 118 4.82 7.08 -27.62
CA GLY A 118 6.19 6.84 -28.09
C GLY A 118 6.73 5.50 -27.65
N VAL A 119 6.39 5.07 -26.45
CA VAL A 119 7.09 4.03 -25.72
C VAL A 119 6.18 2.78 -25.71
N PRO A 120 6.70 1.61 -26.14
CA PRO A 120 5.92 0.37 -26.08
C PRO A 120 5.26 0.21 -24.73
N LEU A 121 4.13 -0.50 -24.71
CA LEU A 121 3.53 -1.10 -23.49
C LEU A 121 3.75 -2.58 -23.38
N LEU A 122 3.59 -3.26 -24.51
CA LEU A 122 4.06 -4.61 -24.68
C LEU A 122 5.06 -4.68 -25.83
N GLN A 123 5.92 -5.71 -25.76
CA GLN A 123 6.47 -6.42 -26.92
C GLN A 123 6.00 -7.86 -26.95
N VAL A 124 5.56 -8.27 -28.13
CA VAL A 124 5.15 -9.64 -28.43
C VAL A 124 6.02 -10.20 -29.57
N SER A 125 6.64 -11.37 -29.31
CA SER A 125 7.55 -12.03 -30.24
C SER A 125 7.11 -13.44 -30.43
N GLY A 126 7.36 -14.02 -31.60
CA GLY A 126 6.83 -15.34 -31.93
C GLY A 126 6.67 -15.54 -33.41
N PRO A 127 5.96 -16.63 -33.79
CA PRO A 127 5.71 -16.92 -35.19
C PRO A 127 4.81 -15.85 -35.77
N LEU A 128 5.34 -15.17 -36.78
CA LEU A 128 4.59 -14.15 -37.49
C LEU A 128 3.09 -14.33 -37.43
N LEU A 129 2.63 -15.44 -37.97
CA LEU A 129 1.22 -15.68 -38.20
C LEU A 129 0.50 -15.65 -36.88
N VAL A 130 1.16 -16.07 -35.81
CA VAL A 130 0.50 -16.16 -34.53
C VAL A 130 0.43 -14.78 -33.90
N VAL A 131 1.60 -14.19 -33.65
CA VAL A 131 1.68 -12.90 -32.99
C VAL A 131 0.96 -11.77 -33.74
N GLN A 132 0.84 -11.89 -35.07
CA GLN A 132 -0.01 -11.01 -35.87
C GLN A 132 -1.48 -11.16 -35.51
N LEU A 133 -1.94 -12.38 -35.27
CA LEU A 133 -3.36 -12.56 -35.05
C LEU A 133 -3.84 -11.89 -33.82
N LEU A 134 -2.94 -11.79 -32.83
CA LEU A 134 -3.19 -11.18 -31.49
C LEU A 134 -3.26 -9.66 -31.50
N GLU A 135 -2.91 -9.01 -32.61
CA GLU A 135 -3.13 -7.58 -32.78
C GLU A 135 -4.46 -7.20 -32.24
N THR A 136 -5.45 -8.03 -32.47
CA THR A 136 -6.84 -7.61 -32.28
C THR A 136 -7.28 -7.71 -30.83
N PRO A 137 -7.15 -8.90 -30.24
CA PRO A 137 -7.43 -9.05 -28.82
C PRO A 137 -6.77 -7.96 -27.98
N LEU A 138 -5.43 -7.88 -28.11
CA LEU A 138 -4.56 -7.10 -27.27
C LEU A 138 -4.81 -5.64 -27.48
N LEU A 139 -5.19 -5.27 -28.69
CA LEU A 139 -5.53 -3.90 -28.91
C LEU A 139 -6.77 -3.54 -28.11
N CYS A 140 -7.82 -4.35 -28.17
CA CYS A 140 -9.04 -4.08 -27.40
C CYS A 140 -8.74 -4.03 -25.89
N LEU A 141 -8.25 -5.14 -25.36
CA LEU A 141 -8.10 -5.28 -23.92
C LEU A 141 -7.29 -4.12 -23.35
N VAL A 142 -6.08 -3.96 -23.84
CA VAL A 142 -5.19 -2.92 -23.36
C VAL A 142 -5.72 -1.47 -23.56
N SER A 143 -6.40 -1.21 -24.67
CA SER A 143 -6.84 0.16 -24.94
C SER A 143 -7.88 0.56 -23.90
N TYR A 144 -8.84 -0.34 -23.70
CA TYR A 144 -10.03 -0.02 -22.93
C TYR A 144 -9.71 0.05 -21.42
N ALA A 145 -8.97 -0.93 -20.91
CA ALA A 145 -8.48 -0.95 -19.52
C ALA A 145 -7.60 0.23 -19.17
N SER A 146 -6.70 0.61 -20.07
CA SER A 146 -5.84 1.75 -19.83
C SER A 146 -6.60 3.07 -19.92
N LEU A 147 -7.63 3.11 -20.72
CA LEU A 147 -8.45 4.30 -20.83
C LEU A 147 -9.31 4.50 -19.59
N VAL A 148 -9.84 3.42 -19.08
CA VAL A 148 -10.56 3.49 -17.81
C VAL A 148 -9.69 3.89 -16.61
N ALA A 149 -8.53 3.27 -16.45
CA ALA A 149 -7.60 3.61 -15.37
C ALA A 149 -7.12 5.04 -15.43
N THR A 150 -6.87 5.53 -16.63
CA THR A 150 -6.38 6.88 -16.75
C THR A 150 -7.45 7.84 -16.36
N ASN A 151 -8.68 7.48 -16.63
CA ASN A 151 -9.75 8.38 -16.33
C ASN A 151 -10.01 8.52 -14.86
N ALA A 152 -10.16 7.38 -14.19
CA ALA A 152 -10.13 7.34 -12.76
C ALA A 152 -8.92 8.01 -12.09
N ALA A 153 -7.74 8.02 -12.71
CA ALA A 153 -6.63 8.77 -12.15
C ALA A 153 -6.95 10.23 -12.25
N ARG A 154 -7.32 10.68 -13.44
CA ARG A 154 -7.60 12.10 -13.63
C ARG A 154 -8.64 12.61 -12.63
N LEU A 155 -9.57 11.75 -12.24
CA LEU A 155 -10.65 12.18 -11.37
C LEU A 155 -10.23 12.11 -9.92
N ARG A 156 -9.37 11.17 -9.58
CA ARG A 156 -8.85 11.12 -8.22
C ARG A 156 -7.91 12.29 -7.94
N LEU A 157 -7.15 12.70 -8.94
CA LEU A 157 -6.42 13.98 -8.91
C LEU A 157 -7.31 15.17 -8.55
N ILE A 158 -8.46 15.25 -9.22
CA ILE A 158 -9.41 16.34 -9.04
C ILE A 158 -10.18 16.22 -7.76
N ALA A 159 -10.47 15.00 -7.31
CA ALA A 159 -11.08 14.84 -6.01
C ALA A 159 -10.04 15.00 -4.87
N GLY A 160 -8.78 14.73 -5.18
CA GLY A 160 -7.76 14.63 -4.17
C GLY A 160 -8.13 13.53 -3.24
N PRO A 161 -7.30 13.32 -2.23
CA PRO A 161 -7.13 11.97 -1.88
C PRO A 161 -7.68 11.90 -0.51
N GLU A 162 -8.95 11.55 -0.35
CA GLU A 162 -9.44 11.14 0.97
C GLU A 162 -10.31 9.86 1.05
N LYS A 163 -10.88 9.58 2.24
CA LYS A 163 -10.69 8.28 2.92
C LYS A 163 -11.80 7.27 2.54
N ARG A 164 -13.06 7.67 2.72
CA ARG A 164 -14.21 7.26 1.89
C ARG A 164 -14.73 8.44 1.05
N LEU A 165 -14.57 8.35 -0.27
CA LEU A 165 -14.79 9.50 -1.15
C LEU A 165 -15.41 9.15 -2.47
N LEU A 166 -14.85 8.16 -3.17
CA LEU A 166 -14.95 8.09 -4.64
C LEU A 166 -15.40 6.72 -5.13
N GLU A 167 -16.31 6.70 -6.09
CA GLU A 167 -17.30 5.61 -6.19
C GLU A 167 -17.77 5.35 -7.62
N MET A 168 -17.69 4.11 -8.08
CA MET A 168 -18.11 3.79 -9.43
C MET A 168 -19.41 3.01 -9.35
N GLY A 169 -20.54 3.59 -9.77
CA GLY A 169 -20.66 4.43 -10.96
C GLY A 169 -21.38 3.77 -12.10
N LEU A 170 -22.28 2.84 -11.80
CA LEU A 170 -22.81 1.94 -12.83
C LEU A 170 -24.25 2.33 -13.23
N ARG A 171 -24.41 2.68 -14.51
CA ARG A 171 -25.67 2.52 -15.23
C ARG A 171 -25.48 2.03 -16.67
N ARG A 172 -24.35 2.37 -17.30
CA ARG A 172 -23.75 1.55 -18.37
C ARG A 172 -22.22 1.66 -18.42
N ALA A 173 -21.57 0.49 -18.58
CA ALA A 173 -20.22 0.36 -19.17
C ALA A 173 -20.18 -0.41 -20.52
N GLN A 174 -20.69 -1.64 -20.56
CA GLN A 174 -20.55 -2.51 -21.73
C GLN A 174 -21.77 -3.42 -22.01
N GLY A 175 -21.85 -4.56 -21.35
CA GLY A 175 -22.68 -5.67 -21.83
C GLY A 175 -22.37 -7.03 -21.19
N PRO A 176 -21.21 -7.63 -21.55
CA PRO A 176 -20.65 -8.73 -20.78
C PRO A 176 -19.54 -8.28 -19.80
N ASP A 177 -18.32 -8.13 -20.30
CA ASP A 177 -17.12 -8.21 -19.46
C ASP A 177 -16.79 -6.86 -18.87
N GLY A 178 -17.66 -5.87 -19.09
CA GLY A 178 -17.23 -4.49 -19.20
C GLY A 178 -17.62 -3.66 -17.99
N GLY A 179 -18.79 -3.99 -17.41
CA GLY A 179 -18.99 -3.91 -15.95
C GLY A 179 -17.75 -4.32 -15.17
N LEU A 180 -17.31 -5.56 -15.40
CA LEU A 180 -16.20 -6.14 -14.68
C LEU A 180 -14.94 -5.32 -14.89
N THR A 181 -14.55 -5.03 -16.13
CA THR A 181 -13.29 -4.30 -16.31
C THR A 181 -13.42 -2.86 -15.89
N ALA A 182 -14.33 -2.10 -16.47
CA ALA A 182 -14.48 -0.72 -16.01
C ALA A 182 -14.34 -0.53 -14.48
N SER A 183 -14.87 -1.45 -13.69
CA SER A 183 -14.82 -1.30 -12.25
C SER A 183 -13.43 -1.59 -11.71
N THR A 184 -12.85 -2.66 -12.22
CA THR A 184 -11.56 -3.15 -11.79
C THR A 184 -10.51 -2.13 -11.99
N TYR A 185 -10.58 -1.48 -13.15
CA TYR A 185 -9.56 -0.51 -13.56
C TYR A 185 -9.81 0.89 -13.03
N SER A 186 -11.04 1.22 -12.66
CA SER A 186 -11.29 2.41 -11.82
C SER A 186 -10.73 2.28 -10.41
N TYR A 187 -10.79 1.08 -9.87
CA TYR A 187 -10.20 0.81 -8.57
C TYR A 187 -8.69 0.93 -8.62
N LEU A 188 -8.10 0.54 -9.74
CA LEU A 188 -6.66 0.63 -9.88
C LEU A 188 -6.20 2.10 -10.10
N GLY A 189 -6.99 2.87 -10.83
CA GLY A 189 -6.74 4.31 -11.00
C GLY A 189 -7.06 5.08 -9.74
N GLY A 190 -7.88 4.53 -8.87
CA GLY A 190 -7.83 4.86 -7.45
C GLY A 190 -9.14 5.39 -6.89
N PHE A 191 -10.24 4.98 -7.52
CA PHE A 191 -11.52 4.84 -6.84
C PHE A 191 -11.43 3.95 -5.63
N ASP A 192 -12.33 4.25 -4.69
CA ASP A 192 -12.36 3.57 -3.42
C ASP A 192 -13.16 2.31 -3.55
N SER A 193 -14.17 2.29 -4.41
CA SER A 193 -14.98 1.09 -4.55
C SER A 193 -15.88 1.08 -5.76
N SER A 194 -16.73 0.06 -5.84
CA SER A 194 -17.53 -0.22 -7.05
C SER A 194 -18.88 -0.71 -6.64
N SER A 195 -19.87 -0.56 -7.51
CA SER A 195 -21.12 -1.31 -7.34
C SER A 195 -21.11 -2.71 -8.00
N ASN A 196 -20.15 -2.95 -8.87
CA ASN A 196 -20.05 -4.23 -9.56
C ASN A 196 -19.74 -5.39 -8.59
N VAL A 197 -20.68 -6.34 -8.50
CA VAL A 197 -20.52 -7.63 -7.77
C VAL A 197 -19.54 -8.62 -8.42
N LEU A 198 -19.49 -8.62 -9.74
CA LEU A 198 -18.63 -9.56 -10.47
C LEU A 198 -17.16 -9.27 -10.18
N ALA A 199 -16.84 -8.00 -9.94
CA ALA A 199 -15.49 -7.54 -9.62
C ALA A 199 -15.13 -7.80 -8.18
N GLY A 200 -16.07 -7.52 -7.28
CA GLY A 200 -16.03 -8.05 -5.93
C GLY A 200 -15.57 -9.49 -5.99
N GLN A 201 -16.32 -10.32 -6.66
CA GLN A 201 -16.23 -11.73 -6.37
C GLN A 201 -14.88 -12.28 -6.80
N LEU A 202 -14.39 -11.87 -7.98
CA LEU A 202 -13.17 -12.47 -8.51
C LEU A 202 -11.97 -11.71 -7.96
N ARG A 203 -12.00 -10.39 -8.13
CA ARG A 203 -10.80 -9.56 -7.95
C ARG A 203 -10.84 -8.81 -6.66
N GLY A 204 -11.80 -9.14 -5.79
CA GLY A 204 -11.88 -8.56 -4.43
C GLY A 204 -11.92 -7.04 -4.33
N VAL A 205 -12.73 -6.40 -5.19
CA VAL A 205 -12.92 -4.94 -5.17
C VAL A 205 -14.06 -4.53 -4.23
N PRO A 206 -13.82 -3.53 -3.37
CA PRO A 206 -14.80 -3.27 -2.36
C PRO A 206 -16.09 -2.99 -3.05
N VAL A 207 -17.20 -3.38 -2.43
CA VAL A 207 -18.48 -3.30 -3.11
C VAL A 207 -19.41 -2.41 -2.27
N ALA A 208 -20.12 -1.49 -2.93
CA ALA A 208 -20.87 -0.48 -2.20
C ALA A 208 -21.84 0.20 -3.12
N GLY A 209 -22.87 0.79 -2.55
CA GLY A 209 -23.84 1.56 -3.34
C GLY A 209 -25.07 0.73 -3.68
N THR A 210 -26.23 1.24 -3.29
CA THR A 210 -27.29 0.41 -2.71
C THR A 210 -28.70 0.89 -3.04
N LEU A 211 -28.84 2.15 -3.38
CA LEU A 211 -30.16 2.74 -3.46
C LEU A 211 -30.46 3.12 -4.90
N ALA A 212 -31.68 3.61 -5.14
CA ALA A 212 -32.27 3.56 -6.47
C ALA A 212 -33.62 4.27 -6.46
N HIS A 213 -33.77 5.28 -7.29
CA HIS A 213 -35.02 6.01 -7.31
C HIS A 213 -36.19 5.06 -7.50
N SER A 214 -36.05 4.03 -8.35
CA SER A 214 -37.19 3.18 -8.76
C SER A 214 -37.77 2.38 -7.61
N PHE A 215 -36.94 2.09 -6.60
CA PHE A 215 -37.38 1.34 -5.44
C PHE A 215 -38.33 2.21 -4.73
N VAL A 216 -38.01 3.48 -4.63
CA VAL A 216 -38.79 4.43 -3.84
C VAL A 216 -40.05 4.79 -4.60
N THR A 217 -39.96 4.85 -5.93
CA THR A 217 -41.13 5.25 -6.69
C THR A 217 -42.12 4.11 -6.79
N SER A 218 -41.77 2.93 -6.28
CA SER A 218 -42.63 1.78 -6.46
C SER A 218 -43.70 1.67 -5.37
N PHE A 219 -43.60 2.49 -4.33
CA PHE A 219 -44.55 2.37 -3.22
C PHE A 219 -45.69 3.40 -3.32
N SER A 220 -46.93 2.97 -3.17
CA SER A 220 -48.06 3.90 -3.11
C SER A 220 -48.07 4.61 -1.76
N GLY A 221 -47.69 3.89 -0.70
CA GLY A 221 -48.21 4.15 0.63
C GLY A 221 -49.59 3.55 0.87
N SER A 222 -49.85 2.39 0.28
CA SER A 222 -50.49 1.26 0.97
C SER A 222 -49.48 0.15 1.33
N GLU A 223 -48.91 0.29 2.52
CA GLU A 223 -47.74 -0.48 2.95
C GLU A 223 -48.22 -1.80 3.58
N VAL A 224 -47.39 -2.82 3.52
CA VAL A 224 -47.83 -4.15 3.87
C VAL A 224 -47.02 -4.66 5.08
N PRO A 225 -47.75 -5.32 6.01
CA PRO A 225 -47.20 -5.87 7.22
C PRO A 225 -47.05 -7.37 7.15
N PRO A 226 -46.61 -7.89 6.00
CA PRO A 226 -46.49 -9.33 6.15
C PRO A 226 -45.62 -9.67 7.39
N ASP A 227 -44.45 -9.06 7.52
CA ASP A 227 -43.84 -8.78 8.82
C ASP A 227 -43.41 -7.33 8.79
N PRO A 228 -43.93 -6.52 9.67
CA PRO A 228 -43.35 -5.23 9.91
C PRO A 228 -42.63 -5.18 11.24
N MET A 229 -42.30 -6.34 11.80
CA MET A 229 -41.50 -6.42 13.00
C MET A 229 -40.03 -6.36 12.70
N LEU A 230 -39.42 -5.29 13.19
CA LEU A 230 -38.00 -5.27 13.55
C LEU A 230 -37.78 -5.53 15.04
N ALA A 231 -37.21 -6.71 15.27
CA ALA A 231 -36.05 -7.05 16.12
C ALA A 231 -35.16 -5.99 16.78
N PRO A 232 -34.85 -6.19 18.06
CA PRO A 232 -34.49 -5.04 18.86
C PRO A 232 -32.99 -4.65 18.78
N ALA A 233 -32.15 -5.47 18.15
CA ALA A 233 -30.67 -5.25 18.13
C ALA A 233 -29.91 -5.34 19.44
N ALA A 234 -30.63 -5.42 20.56
CA ALA A 234 -30.02 -5.76 21.85
C ALA A 234 -29.81 -7.26 21.76
N GLY A 235 -30.87 -8.04 21.89
CA GLY A 235 -30.68 -9.46 22.11
C GLY A 235 -31.94 -10.12 22.58
N GLU A 236 -32.62 -10.78 21.64
CA GLU A 236 -33.88 -11.46 21.92
C GLU A 236 -34.93 -10.46 22.39
N GLY A 237 -36.14 -10.98 22.58
CA GLY A 237 -37.27 -10.14 22.92
C GLY A 237 -38.04 -9.83 21.67
N PRO A 238 -39.29 -9.39 21.83
CA PRO A 238 -40.12 -9.33 20.69
C PRO A 238 -39.64 -8.21 19.79
N GLY A 239 -39.90 -8.35 18.50
CA GLY A 239 -39.60 -7.28 17.55
C GLY A 239 -40.76 -6.33 17.56
N VAL A 240 -40.49 -5.06 17.29
CA VAL A 240 -41.57 -4.08 17.29
C VAL A 240 -41.89 -3.62 15.89
N ASP A 241 -43.14 -3.20 15.72
CA ASP A 241 -43.65 -2.67 14.46
C ASP A 241 -43.04 -1.33 14.02
N LEU A 242 -42.17 -1.37 13.02
CA LEU A 242 -41.26 -0.26 12.77
C LEU A 242 -42.00 0.95 12.21
N ALA A 243 -43.11 0.67 11.53
CA ALA A 243 -43.81 1.64 10.69
C ALA A 243 -44.64 2.54 11.56
N ALA A 244 -45.35 1.89 12.47
CA ALA A 244 -45.96 2.55 13.62
C ALA A 244 -45.02 3.58 14.23
N LYS A 245 -43.79 3.18 14.50
CA LYS A 245 -42.95 4.03 15.29
C LYS A 245 -42.37 5.14 14.45
N ALA A 246 -42.07 4.84 13.18
CA ALA A 246 -41.68 5.89 12.26
C ALA A 246 -42.73 6.96 12.28
N GLN A 247 -44.01 6.54 12.39
CA GLN A 247 -45.15 7.47 12.41
C GLN A 247 -45.26 8.36 13.65
N VAL A 248 -45.12 7.74 14.82
CA VAL A 248 -44.98 8.43 16.10
C VAL A 248 -43.91 9.50 16.04
N TRP A 249 -42.77 9.14 15.45
CA TRP A 249 -41.58 10.00 15.33
C TRP A 249 -41.68 11.05 14.24
N LEU A 250 -42.49 10.76 13.22
CA LEU A 250 -42.77 11.71 12.15
C LEU A 250 -43.42 12.97 12.68
N GLU A 251 -44.34 12.81 13.63
CA GLU A 251 -45.04 13.95 14.22
C GLU A 251 -44.08 14.89 14.92
N GLN A 252 -43.02 14.31 15.50
CA GLN A 252 -41.99 15.06 16.25
C GLN A 252 -40.96 15.75 15.35
N VAL A 253 -40.68 15.17 14.18
CA VAL A 253 -39.69 15.76 13.28
C VAL A 253 -40.30 16.95 12.56
N CYS A 254 -41.53 16.77 12.12
CA CYS A 254 -42.24 17.82 11.43
C CYS A 254 -42.54 18.98 12.36
N ALA A 255 -42.92 18.71 13.59
CA ALA A 255 -42.90 19.76 14.61
C ALA A 255 -41.55 20.47 14.66
N HIS A 256 -40.49 19.78 15.13
CA HIS A 256 -39.10 20.26 15.00
C HIS A 256 -38.79 21.11 13.70
N LEU A 257 -39.28 20.67 12.54
CA LEU A 257 -38.90 21.28 11.25
C LEU A 257 -39.89 22.35 10.76
N GLY A 258 -41.11 22.36 11.29
CA GLY A 258 -42.14 23.26 10.80
C GLY A 258 -42.63 22.86 9.44
N LEU A 259 -43.37 21.76 9.43
CA LEU A 259 -44.04 21.21 8.26
C LEU A 259 -45.29 20.57 8.74
N GLY A 260 -46.24 20.39 7.84
CA GLY A 260 -47.41 19.61 8.19
C GLY A 260 -47.05 18.15 8.18
N VAL A 261 -47.60 17.41 9.12
CA VAL A 261 -47.38 15.97 9.16
C VAL A 261 -47.81 15.37 7.83
N GLN A 262 -48.69 16.06 7.11
CA GLN A 262 -49.26 15.58 5.83
C GLN A 262 -48.30 15.66 4.62
N GLU A 263 -47.33 16.57 4.62
CA GLU A 263 -46.58 16.85 3.37
C GLU A 263 -45.53 15.81 3.03
N PRO A 264 -44.83 15.29 4.03
CA PRO A 264 -43.86 14.27 3.72
C PRO A 264 -44.53 13.00 3.28
N HIS A 265 -44.05 12.49 2.16
CA HIS A 265 -44.78 11.62 1.30
C HIS A 265 -44.81 10.22 1.92
N PRO A 266 -45.99 9.62 1.93
CA PRO A 266 -46.25 8.31 2.54
C PRO A 266 -45.56 7.12 1.90
N GLY A 267 -45.55 7.05 0.60
CA GLY A 267 -44.95 5.91 -0.09
C GLY A 267 -43.45 5.78 -0.02
N GLU A 268 -42.76 6.90 -0.24
CA GLU A 268 -41.40 7.12 0.26
C GLU A 268 -41.23 6.51 1.63
N ARG A 269 -41.99 6.99 2.62
CA ARG A 269 -41.83 6.47 3.96
C ARG A 269 -41.95 4.96 3.99
N ALA A 270 -42.92 4.43 3.26
CA ALA A 270 -43.04 2.98 3.10
C ALA A 270 -41.70 2.39 2.63
N ALA A 271 -41.10 3.04 1.65
CA ALA A 271 -40.02 2.45 0.94
C ALA A 271 -38.85 2.44 1.90
N PHE A 272 -38.74 3.49 2.70
CA PHE A 272 -37.64 3.60 3.66
C PHE A 272 -37.87 2.49 4.64
N VAL A 273 -39.01 2.50 5.31
CA VAL A 273 -39.19 1.50 6.30
C VAL A 273 -38.86 0.16 5.71
N ALA A 274 -39.28 -0.09 4.47
CA ALA A 274 -39.01 -1.39 3.84
C ALA A 274 -37.53 -1.74 3.78
N TYR A 275 -36.73 -0.93 3.10
CA TYR A 275 -35.27 -0.92 3.26
C TYR A 275 -34.77 -1.21 4.68
N ALA A 276 -35.21 -0.41 5.64
CA ALA A 276 -34.72 -0.52 6.98
C ALA A 276 -35.07 -1.84 7.63
N LEU A 277 -36.22 -2.41 7.33
CA LEU A 277 -36.44 -3.80 7.72
C LEU A 277 -35.39 -4.78 7.14
N ALA A 278 -34.92 -4.53 5.92
CA ALA A 278 -33.93 -5.41 5.35
C ALA A 278 -32.52 -5.07 5.81
N PHE A 279 -32.29 -3.82 6.16
CA PHE A 279 -30.94 -3.30 6.33
C PHE A 279 -30.86 -2.43 7.59
N PRO A 280 -31.29 -2.98 8.74
CA PRO A 280 -31.41 -2.19 9.98
C PRO A 280 -30.05 -1.58 10.46
N ARG A 281 -28.97 -2.32 10.27
CA ARG A 281 -27.65 -1.86 10.66
C ARG A 281 -26.97 -0.96 9.62
N ALA A 282 -27.57 -0.78 8.45
CA ALA A 282 -26.92 -0.11 7.33
C ALA A 282 -27.95 0.67 6.55
N PHE A 283 -28.79 1.38 7.30
CA PHE A 283 -29.91 2.09 6.71
C PHE A 283 -29.44 3.37 6.05
N GLN A 284 -29.99 3.63 4.87
CA GLN A 284 -29.63 4.77 4.04
C GLN A 284 -30.80 5.31 3.30
N GLY A 285 -30.68 6.57 2.94
CA GLY A 285 -31.83 7.36 2.62
C GLY A 285 -31.64 8.19 1.37
N LEU A 286 -32.34 7.78 0.34
CA LEU A 286 -32.47 8.58 -0.87
C LEU A 286 -33.41 9.78 -0.71
N LEU A 287 -32.88 11.00 -0.80
CA LEU A 287 -33.62 12.16 -0.33
C LEU A 287 -34.52 12.84 -1.34
N ASP A 288 -34.29 12.67 -2.65
CA ASP A 288 -34.72 13.71 -3.60
C ASP A 288 -35.69 13.27 -4.73
N THR A 289 -36.10 12.00 -4.73
CA THR A 289 -37.36 11.56 -5.41
C THR A 289 -38.49 12.59 -5.52
N TYR A 290 -38.89 13.12 -4.38
CA TYR A 290 -39.89 14.17 -4.32
C TYR A 290 -39.17 15.46 -3.90
N SER A 291 -39.60 16.17 -2.86
CA SER A 291 -38.76 17.21 -2.28
C SER A 291 -37.77 16.64 -1.27
N VAL A 292 -36.55 17.14 -1.26
CA VAL A 292 -35.62 16.86 -0.17
C VAL A 292 -36.20 17.35 1.15
N TRP A 293 -36.67 18.59 1.15
CA TRP A 293 -36.81 19.36 2.39
C TRP A 293 -38.11 19.07 3.00
N ARG A 294 -39.15 19.07 2.18
CA ARG A 294 -40.49 18.76 2.66
C ARG A 294 -40.81 17.26 2.75
N SER A 295 -39.93 16.37 2.29
CA SER A 295 -40.29 14.96 2.21
C SER A 295 -39.18 13.92 2.52
N GLY A 296 -38.14 13.87 1.67
CA GLY A 296 -37.04 12.94 1.84
C GLY A 296 -36.51 13.05 3.24
N LEU A 297 -36.17 14.27 3.64
CA LEU A 297 -35.41 14.47 4.87
C LEU A 297 -36.22 14.16 6.12
N PRO A 298 -37.40 14.79 6.29
CA PRO A 298 -38.30 14.39 7.38
C PRO A 298 -38.52 12.87 7.52
N ASN A 299 -38.83 12.21 6.40
CA ASN A 299 -39.02 10.76 6.37
C ASN A 299 -37.77 9.98 6.76
N PHE A 300 -36.58 10.46 6.37
CA PHE A 300 -35.35 9.85 6.84
C PHE A 300 -35.26 10.01 8.35
N LEU A 301 -35.42 11.21 8.83
CA LEU A 301 -35.27 11.43 10.24
C LEU A 301 -36.29 10.58 11.04
N ALA A 302 -37.48 10.42 10.50
CA ALA A 302 -38.47 9.69 11.22
C ALA A 302 -38.05 8.22 11.42
N VAL A 303 -37.37 7.67 10.42
CA VAL A 303 -37.02 6.24 10.44
C VAL A 303 -35.71 6.06 11.22
N ALA A 304 -34.72 6.90 10.90
CA ALA A 304 -33.45 6.83 11.56
C ALA A 304 -33.57 7.00 13.06
N LEU A 305 -34.67 7.60 13.52
CA LEU A 305 -34.98 7.71 14.97
C LEU A 305 -35.76 6.54 15.55
N ALA A 306 -36.60 5.93 14.75
CA ALA A 306 -37.38 4.82 15.22
C ALA A 306 -36.51 3.61 15.45
N LEU A 307 -36.04 2.97 14.39
CA LEU A 307 -34.67 2.53 14.26
C LEU A 307 -33.77 3.41 15.11
N GLY A 308 -33.11 2.87 16.13
CA GLY A 308 -32.25 3.73 17.00
C GLY A 308 -32.79 3.83 18.41
N GLU A 309 -34.01 4.30 18.55
CA GLU A 309 -34.86 3.85 19.66
C GLU A 309 -34.90 2.30 19.82
N LEU A 310 -34.45 1.55 18.81
CA LEU A 310 -34.04 0.13 19.00
C LEU A 310 -32.52 -0.15 19.03
N GLY A 311 -31.70 0.87 18.96
CA GLY A 311 -30.26 0.70 19.07
C GLY A 311 -29.55 0.47 17.76
N TYR A 312 -30.19 0.84 16.67
CA TYR A 312 -29.58 0.71 15.37
C TYR A 312 -29.14 2.10 14.94
N ARG A 313 -28.09 2.16 14.13
CA ARG A 313 -27.70 3.43 13.52
C ARG A 313 -27.84 3.52 11.99
N ALA A 314 -28.31 4.69 11.59
CA ALA A 314 -28.38 5.01 10.21
C ALA A 314 -26.98 5.29 9.77
N VAL A 315 -26.79 5.15 8.47
CA VAL A 315 -25.48 5.06 7.88
C VAL A 315 -25.20 6.18 6.85
N GLY A 316 -26.25 6.69 6.21
CA GLY A 316 -26.14 7.17 4.85
C GLY A 316 -27.31 8.06 4.53
N VAL A 317 -27.08 9.12 3.76
CA VAL A 317 -28.11 9.71 2.88
C VAL A 317 -27.62 10.06 1.48
N ARG A 318 -28.55 10.16 0.56
CA ARG A 318 -28.18 10.45 -0.81
C ARG A 318 -29.01 11.53 -1.55
N LEU A 319 -28.25 12.40 -2.23
CA LEU A 319 -28.73 13.34 -3.25
C LEU A 319 -28.21 13.00 -4.64
N ASP A 320 -29.06 13.16 -5.63
CA ASP A 320 -28.59 13.26 -7.00
C ASP A 320 -28.67 14.68 -7.49
N SER A 321 -29.85 15.28 -7.36
CA SER A 321 -30.19 16.48 -8.09
C SER A 321 -30.12 17.67 -7.15
N GLY A 322 -30.05 18.87 -7.74
CA GLY A 322 -29.98 20.13 -7.02
C GLY A 322 -28.57 20.71 -7.11
N ASP A 323 -28.33 21.73 -6.29
CA ASP A 323 -26.98 22.21 -5.95
C ASP A 323 -26.48 21.48 -4.70
N LEU A 324 -25.58 20.54 -4.95
CA LEU A 324 -25.27 19.46 -4.03
C LEU A 324 -24.31 19.99 -3.01
N LEU A 325 -23.39 20.83 -3.44
CA LEU A 325 -22.51 21.48 -2.50
C LEU A 325 -23.28 22.24 -1.44
N GLN A 326 -24.46 22.73 -1.81
CA GLN A 326 -25.22 23.50 -0.87
C GLN A 326 -26.16 22.67 -0.07
N GLN A 327 -26.99 21.90 -0.76
CA GLN A 327 -27.91 21.06 -0.04
C GLN A 327 -27.14 20.40 1.10
N ALA A 328 -25.96 19.84 0.80
CA ALA A 328 -25.12 19.15 1.79
C ALA A 328 -24.76 19.91 3.03
N GLN A 329 -24.49 21.20 2.89
CA GLN A 329 -24.18 22.03 4.06
C GLN A 329 -25.45 22.40 4.84
N GLU A 330 -26.56 22.55 4.16
CA GLU A 330 -27.82 22.80 4.84
C GLU A 330 -28.23 21.53 5.59
N ILE A 331 -28.14 20.39 4.91
CA ILE A 331 -28.42 19.09 5.52
C ILE A 331 -27.69 18.91 6.84
N ARG A 332 -26.36 19.09 6.85
CA ARG A 332 -25.62 18.91 8.10
C ARG A 332 -26.04 19.84 9.25
N LYS A 333 -26.38 21.08 8.91
CA LYS A 333 -27.05 22.00 9.84
C LYS A 333 -28.12 21.29 10.62
N VAL A 334 -28.98 20.59 9.89
CA VAL A 334 -30.20 20.04 10.51
C VAL A 334 -29.90 18.72 11.19
N PHE A 335 -29.00 17.94 10.62
CA PHE A 335 -28.49 16.78 11.31
C PHE A 335 -27.92 17.19 12.61
N ARG A 336 -27.21 18.30 12.58
CA ARG A 336 -26.72 18.93 13.80
C ARG A 336 -27.88 19.30 14.72
N ALA A 337 -28.80 20.13 14.21
CA ALA A 337 -29.98 20.51 15.00
C ALA A 337 -30.82 19.36 15.55
N ALA A 338 -30.88 18.25 14.86
CA ALA A 338 -31.68 17.12 15.29
C ALA A 338 -30.94 16.18 16.26
N ALA A 339 -29.64 15.99 16.06
CA ALA A 339 -28.88 15.18 17.01
C ALA A 339 -28.99 15.76 18.42
N ALA A 340 -28.87 17.08 18.53
CA ALA A 340 -29.14 17.80 19.76
C ALA A 340 -30.59 17.67 20.21
N GLN A 341 -31.48 18.23 19.42
CA GLN A 341 -32.87 18.24 19.78
C GLN A 341 -33.32 16.86 20.21
N PHE A 342 -32.92 15.81 19.49
CA PHE A 342 -33.51 14.46 19.72
C PHE A 342 -32.58 13.56 20.51
N GLN A 343 -31.41 14.08 20.82
CA GLN A 343 -30.49 13.47 21.76
C GLN A 343 -29.94 12.15 21.22
N VAL A 344 -29.19 12.25 20.12
CA VAL A 344 -29.05 11.20 19.09
C VAL A 344 -27.75 11.49 18.33
N PRO A 345 -26.59 11.29 18.96
CA PRO A 345 -25.44 12.05 18.48
C PRO A 345 -24.83 11.53 17.17
N TRP A 346 -25.01 10.25 16.89
CA TRP A 346 -24.47 9.65 15.67
C TRP A 346 -24.93 10.36 14.43
N LEU A 347 -26.15 10.89 14.50
CA LEU A 347 -26.77 11.59 13.39
C LEU A 347 -25.90 12.67 12.75
N GLU A 348 -25.04 13.26 13.55
CA GLU A 348 -24.12 14.28 13.07
C GLU A 348 -23.16 13.74 12.01
N SER A 349 -22.68 12.50 12.17
CA SER A 349 -21.65 11.91 11.28
C SER A 349 -22.16 10.80 10.33
N VAL A 350 -23.48 10.59 10.32
CA VAL A 350 -24.17 10.16 9.10
C VAL A 350 -23.49 10.74 7.85
N LEU A 351 -23.30 9.86 6.88
CA LEU A 351 -22.56 10.19 5.69
C LEU A 351 -23.51 10.75 4.66
N ILE A 352 -22.95 11.50 3.73
CA ILE A 352 -23.68 12.19 2.70
C ILE A 352 -23.10 11.83 1.37
N VAL A 353 -23.89 11.12 0.58
CA VAL A 353 -23.40 10.62 -0.65
C VAL A 353 -24.09 11.37 -1.71
N VAL A 354 -23.31 11.84 -2.68
CA VAL A 354 -23.87 12.53 -3.84
C VAL A 354 -23.51 11.77 -5.10
N SER A 355 -24.20 12.09 -6.19
CA SER A 355 -24.14 11.34 -7.47
C SER A 355 -24.98 12.11 -8.50
N ASN A 356 -24.74 11.86 -9.80
CA ASN A 356 -25.21 12.78 -10.89
C ASN A 356 -24.51 14.16 -10.93
N ASN A 357 -23.18 14.11 -11.07
CA ASN A 357 -22.41 15.02 -11.91
C ASN A 357 -22.04 14.45 -13.29
N ILE A 358 -21.51 13.22 -13.33
CA ILE A 358 -20.26 12.83 -14.06
C ILE A 358 -19.24 13.92 -14.51
N ASP A 359 -19.72 15.10 -14.92
CA ASP A 359 -18.87 16.25 -15.28
C ASP A 359 -17.85 16.62 -14.22
N GLU A 360 -16.65 16.98 -14.64
CA GLU A 360 -15.53 17.07 -13.73
C GLU A 360 -15.13 18.50 -13.32
N GLU A 361 -15.90 19.50 -13.69
CA GLU A 361 -15.89 20.75 -12.93
C GLU A 361 -16.68 20.63 -11.62
N ALA A 362 -17.79 19.92 -11.70
CA ALA A 362 -18.62 19.67 -10.56
C ALA A 362 -17.78 19.08 -9.48
N LEU A 363 -17.01 18.07 -9.85
CA LEU A 363 -16.19 17.37 -8.90
C LEU A 363 -15.40 18.33 -8.04
N ALA A 364 -14.78 19.31 -8.67
CA ALA A 364 -13.91 20.25 -8.00
C ALA A 364 -14.62 21.06 -6.96
N ARG A 365 -15.87 21.47 -7.22
CA ARG A 365 -16.64 22.15 -6.18
C ARG A 365 -16.79 21.23 -4.97
N LEU A 366 -17.37 20.08 -5.25
CA LEU A 366 -17.72 19.07 -4.26
C LEU A 366 -16.56 18.57 -3.41
N ALA A 367 -15.40 18.42 -4.04
CA ALA A 367 -14.21 17.90 -3.36
C ALA A 367 -13.28 19.04 -3.15
N GLN A 368 -12.83 19.17 -1.92
CA GLN A 368 -13.66 19.81 -0.94
C GLN A 368 -13.53 21.28 -1.27
N GLU A 369 -13.01 22.06 -0.33
CA GLU A 369 -13.60 23.36 0.05
C GLU A 369 -13.93 23.52 1.56
N GLY A 370 -13.87 22.45 2.35
CA GLY A 370 -14.87 22.27 3.41
C GLY A 370 -16.31 22.08 2.94
N SER A 371 -16.46 21.51 1.74
CA SER A 371 -17.60 20.64 1.36
C SER A 371 -18.01 19.62 2.45
N GLU A 372 -19.31 19.36 2.56
CA GLU A 372 -19.86 18.44 3.61
C GLU A 372 -20.16 17.00 3.12
N VAL A 373 -19.83 16.77 1.86
CA VAL A 373 -20.15 15.56 1.15
C VAL A 373 -19.14 14.59 1.64
N ASN A 374 -19.49 13.31 1.69
CA ASN A 374 -18.50 12.31 2.06
C ASN A 374 -18.08 11.43 0.91
N VAL A 375 -18.98 11.18 -0.01
CA VAL A 375 -18.86 10.07 -0.94
C VAL A 375 -19.49 10.54 -2.24
N ILE A 376 -18.86 10.17 -3.35
CA ILE A 376 -19.22 10.74 -4.63
C ILE A 376 -19.32 9.64 -5.67
N GLY A 377 -20.51 9.50 -6.25
CA GLY A 377 -20.79 8.40 -7.18
C GLY A 377 -20.38 8.84 -8.57
N ILE A 378 -19.68 7.99 -9.33
CA ILE A 378 -18.75 8.48 -10.32
C ILE A 378 -18.10 9.78 -9.82
N SER A 390 -10.48 8.42 -27.01
CA SER A 390 -9.74 7.16 -26.85
C SER A 390 -8.30 7.23 -27.39
N LEU A 391 -7.41 6.43 -26.78
CA LEU A 391 -5.97 6.38 -27.08
C LEU A 391 -5.77 6.13 -28.55
N GLY A 392 -4.61 6.56 -29.04
CA GLY A 392 -4.33 6.43 -30.46
C GLY A 392 -3.63 5.13 -30.76
N GLY A 393 -4.27 4.00 -30.45
CA GLY A 393 -3.52 2.79 -30.10
C GLY A 393 -3.13 1.96 -31.32
N VAL A 394 -1.89 1.48 -31.32
CA VAL A 394 -1.17 1.02 -32.52
C VAL A 394 -0.51 -0.33 -32.24
N TYR A 395 -0.48 -1.24 -33.20
CA TYR A 395 0.26 -2.48 -32.98
C TYR A 395 1.00 -2.84 -34.22
N LYS A 396 2.33 -2.77 -34.14
CA LYS A 396 3.21 -2.53 -35.27
C LYS A 396 4.33 -3.54 -35.30
N LEU A 397 4.71 -3.96 -36.48
CA LEU A 397 5.74 -4.98 -36.64
C LEU A 397 7.10 -4.32 -36.72
N VAL A 398 7.97 -4.59 -35.77
CA VAL A 398 9.31 -3.98 -35.74
C VAL A 398 10.45 -4.87 -36.25
N ALA A 399 10.22 -6.18 -36.33
CA ALA A 399 11.26 -7.10 -36.79
C ALA A 399 10.68 -8.40 -37.34
N VAL A 400 11.27 -8.93 -38.41
CA VAL A 400 11.04 -10.32 -38.86
C VAL A 400 12.32 -10.91 -39.37
N GLY A 401 12.69 -12.08 -38.86
CA GLY A 401 13.97 -12.71 -39.18
C GLY A 401 15.16 -11.95 -38.61
N GLY A 402 15.15 -11.73 -37.30
CA GLY A 402 15.96 -10.66 -36.70
C GLY A 402 16.29 -9.45 -37.57
N GLN A 403 15.50 -9.22 -38.63
CA GLN A 403 15.84 -8.22 -39.64
C GLN A 403 14.79 -7.08 -39.54
N PRO A 404 15.19 -5.88 -39.03
CA PRO A 404 14.24 -4.79 -38.67
C PRO A 404 13.27 -4.34 -39.75
N ARG A 405 12.26 -3.57 -39.34
CA ARG A 405 11.24 -3.02 -40.24
C ARG A 405 10.87 -1.63 -39.72
N MET A 406 10.58 -0.68 -40.59
CA MET A 406 10.49 0.68 -40.11
C MET A 406 9.38 1.52 -40.72
N LYS A 407 8.95 1.14 -41.92
CA LYS A 407 8.00 1.91 -42.72
C LYS A 407 8.81 3.22 -42.81
N LEU A 408 8.33 4.34 -42.26
CA LEU A 408 9.12 5.61 -42.30
C LEU A 408 8.61 6.63 -41.25
N THR A 416 7.19 5.72 -36.70
CA THR A 416 7.45 4.39 -36.12
C THR A 416 8.84 3.83 -36.43
N LEU A 417 9.32 3.01 -35.50
CA LEU A 417 10.70 2.90 -35.16
C LEU A 417 11.12 1.45 -35.07
N PRO A 418 12.24 1.08 -35.72
CA PRO A 418 12.62 -0.27 -36.12
C PRO A 418 13.27 -1.12 -35.02
N GLY A 419 13.41 -2.42 -35.29
CA GLY A 419 14.22 -3.29 -34.47
C GLY A 419 13.59 -3.56 -33.12
N SER A 420 14.07 -4.62 -32.49
CA SER A 420 13.61 -4.99 -31.16
C SER A 420 14.31 -4.10 -30.14
N LYS A 421 13.55 -3.52 -29.22
CA LYS A 421 14.11 -2.48 -28.42
C LYS A 421 14.10 -2.84 -26.96
N ALA A 422 14.85 -2.06 -26.19
CA ALA A 422 14.68 -1.95 -24.78
C ALA A 422 14.43 -0.52 -24.41
N ALA A 423 13.70 -0.31 -23.31
CA ALA A 423 13.18 0.99 -22.94
C ALA A 423 13.34 1.15 -21.43
N PHE A 424 13.43 2.41 -21.01
CA PHE A 424 14.11 2.81 -19.78
C PHE A 424 13.62 4.17 -19.39
N ARG A 425 13.42 4.39 -18.11
CA ARG A 425 12.90 5.65 -17.65
C ARG A 425 13.89 6.35 -16.77
N LEU A 426 14.23 7.56 -17.20
CA LEU A 426 15.26 8.35 -16.56
C LEU A 426 14.59 9.19 -15.53
N LEU A 427 15.16 9.19 -14.34
CA LEU A 427 14.52 9.86 -13.23
C LEU A 427 15.48 10.93 -12.75
N GLY A 428 14.95 11.89 -12.01
CA GLY A 428 15.03 11.87 -10.53
C GLY A 428 15.92 13.04 -10.27
N SER A 429 15.88 13.62 -9.09
CA SER A 429 16.24 13.00 -7.81
C SER A 429 15.31 13.49 -6.69
N ASP A 430 14.30 14.25 -7.09
CA ASP A 430 13.00 14.21 -6.48
C ASP A 430 12.15 13.09 -7.01
N GLY A 431 12.75 12.06 -7.58
CA GLY A 431 11.92 10.96 -8.04
C GLY A 431 11.12 11.14 -9.31
N SER A 432 11.04 12.34 -9.87
CA SER A 432 10.08 12.61 -10.95
C SER A 432 10.79 12.38 -12.26
N PRO A 433 10.14 11.73 -13.22
CA PRO A 433 10.78 11.43 -14.46
C PRO A 433 10.98 12.60 -15.40
N LEU A 434 12.06 12.52 -16.16
CA LEU A 434 12.48 13.54 -17.07
C LEU A 434 12.24 13.11 -18.52
N MET A 435 12.28 11.81 -18.79
CA MET A 435 12.14 11.28 -20.13
C MET A 435 12.23 9.78 -20.13
N ASP A 436 11.61 9.13 -21.12
CA ASP A 436 11.84 7.72 -21.36
C ASP A 436 12.85 7.67 -22.45
N MET A 437 13.68 6.67 -22.42
CA MET A 437 14.71 6.55 -23.41
C MET A 437 14.64 5.20 -24.06
N LEU A 438 14.98 5.14 -25.33
CA LEU A 438 14.89 3.91 -26.09
C LEU A 438 16.21 3.49 -26.70
N GLN A 439 16.30 2.22 -27.09
CA GLN A 439 17.55 1.52 -27.05
C GLN A 439 17.37 0.24 -27.84
N LEU A 440 18.41 -0.18 -28.54
CA LEU A 440 18.42 -1.54 -29.07
C LEU A 440 18.31 -2.50 -27.92
N ALA A 441 17.59 -3.58 -28.12
CA ALA A 441 17.69 -4.74 -27.25
C ALA A 441 19.13 -5.31 -27.00
N GLU A 442 20.08 -5.08 -27.91
CA GLU A 442 21.50 -5.50 -27.72
C GLU A 442 22.29 -4.63 -26.72
N GLU A 443 21.91 -3.37 -26.55
CA GLU A 443 22.77 -2.38 -25.89
C GLU A 443 22.94 -2.67 -24.37
N PRO A 444 24.09 -2.28 -23.79
CA PRO A 444 24.21 -2.24 -22.34
C PRO A 444 23.15 -1.40 -21.62
N VAL A 445 22.88 -1.70 -20.36
CA VAL A 445 21.95 -0.95 -19.56
C VAL A 445 22.57 0.24 -18.82
N PRO A 446 21.91 1.39 -18.89
CA PRO A 446 22.36 2.65 -18.30
C PRO A 446 22.29 2.65 -16.79
N GLN A 447 22.86 3.63 -16.07
CA GLN A 447 22.86 3.53 -14.59
C GLN A 447 22.68 4.75 -13.62
N ALA A 448 23.45 5.76 -13.82
CA ALA A 448 23.46 6.99 -12.98
C ALA A 448 24.80 7.77 -13.04
N GLY A 449 25.66 7.42 -14.01
CA GLY A 449 26.32 8.38 -14.88
C GLY A 449 25.65 8.58 -16.22
N GLN A 450 26.38 9.22 -17.15
CA GLN A 450 25.80 10.21 -18.05
C GLN A 450 25.96 9.81 -19.52
N GLU A 451 25.13 10.41 -20.38
CA GLU A 451 24.47 9.74 -21.51
C GLU A 451 24.30 10.74 -22.61
N LEU A 452 24.57 10.33 -23.82
CA LEU A 452 24.48 11.21 -24.98
C LEU A 452 23.30 10.70 -25.77
N ARG A 453 22.28 11.52 -25.99
CA ARG A 453 21.09 10.96 -26.64
C ARG A 453 20.31 11.88 -27.51
N VAL A 454 19.96 11.40 -28.68
CA VAL A 454 19.58 12.24 -29.76
C VAL A 454 18.02 12.15 -29.57
N TRP A 455 17.36 13.30 -29.49
CA TRP A 455 15.91 13.37 -29.40
C TRP A 455 15.12 12.89 -30.64
N PRO A 456 13.81 13.27 -30.69
CA PRO A 456 13.02 13.26 -31.96
C PRO A 456 13.11 14.49 -32.89
N PRO A 457 12.79 15.73 -32.40
CA PRO A 457 12.95 16.92 -33.28
C PRO A 457 14.25 16.98 -34.12
N GLY A 458 15.39 17.09 -33.46
CA GLY A 458 15.98 15.99 -32.68
C GLY A 458 16.87 15.02 -33.43
N ALA A 459 17.03 15.22 -34.74
CA ALA A 459 18.23 14.74 -35.44
C ALA A 459 19.15 15.90 -35.87
N GLN A 460 19.00 17.06 -35.22
CA GLN A 460 20.03 18.10 -35.26
C GLN A 460 21.28 17.75 -34.42
N GLU A 461 21.08 17.37 -33.16
CA GLU A 461 22.19 17.29 -32.15
C GLU A 461 21.82 16.61 -30.82
N PRO A 462 22.74 15.82 -30.27
CA PRO A 462 22.52 15.11 -29.00
C PRO A 462 22.35 16.01 -27.75
N CYS A 463 21.57 15.55 -26.78
CA CYS A 463 21.46 16.12 -25.41
C CYS A 463 22.57 15.43 -24.65
N THR A 464 22.89 15.94 -23.46
CA THR A 464 23.65 15.14 -22.48
C THR A 464 22.93 15.16 -21.16
N VAL A 465 22.83 13.97 -20.56
CA VAL A 465 22.00 13.75 -19.39
C VAL A 465 22.69 12.80 -18.41
N ARG A 466 22.58 13.14 -17.13
CA ARG A 466 22.99 12.27 -16.06
C ARG A 466 21.72 11.99 -15.30
N PRO A 467 21.11 10.80 -15.50
CA PRO A 467 20.03 10.36 -14.63
C PRO A 467 20.44 10.07 -13.16
N ALA A 468 19.62 10.55 -12.23
CA ALA A 468 19.70 10.08 -10.85
C ALA A 468 19.46 8.58 -10.80
N GLN A 469 18.31 8.13 -11.29
CA GLN A 469 18.03 6.70 -11.39
C GLN A 469 17.64 6.40 -12.80
N VAL A 470 17.58 5.11 -13.13
CA VAL A 470 17.24 4.63 -14.47
C VAL A 470 16.44 3.34 -14.38
N GLU A 471 15.12 3.45 -14.42
CA GLU A 471 14.23 2.30 -14.36
C GLU A 471 14.05 1.71 -15.73
N PRO A 472 14.20 0.40 -15.89
CA PRO A 472 13.78 -0.32 -17.12
C PRO A 472 12.31 -0.68 -17.13
N LEU A 473 11.58 -0.38 -18.21
CA LEU A 473 10.13 -0.27 -18.09
C LEU A 473 9.40 -1.61 -18.34
N LEU A 474 9.75 -2.26 -19.44
CA LEU A 474 9.07 -3.47 -19.84
C LEU A 474 9.74 -4.69 -19.25
N ARG A 475 8.93 -5.53 -18.63
CA ARG A 475 9.44 -6.66 -17.91
C ARG A 475 8.79 -7.95 -18.40
N LEU A 476 9.55 -9.03 -18.45
CA LEU A 476 9.10 -10.31 -18.96
C LEU A 476 7.95 -10.89 -18.13
N CYS A 477 6.75 -11.03 -18.73
CA CYS A 477 5.64 -11.78 -18.07
C CYS A 477 5.25 -13.09 -18.76
N LEU A 478 5.92 -13.47 -19.82
CA LEU A 478 5.54 -14.70 -20.47
C LEU A 478 6.56 -15.09 -21.47
N GLN A 479 7.17 -16.25 -21.26
CA GLN A 479 8.21 -16.76 -22.14
C GLN A 479 7.80 -18.09 -22.67
N GLN A 480 7.69 -18.16 -23.98
CA GLN A 480 7.53 -19.40 -24.69
C GLN A 480 6.38 -20.11 -24.05
N GLY A 481 5.26 -19.41 -23.96
CA GLY A 481 4.00 -20.06 -23.67
C GLY A 481 3.78 -20.08 -22.19
N GLN A 482 4.84 -20.27 -21.41
CA GLN A 482 4.80 -20.31 -19.93
C GLN A 482 5.20 -18.99 -19.22
N LEU A 483 4.41 -18.59 -18.22
CA LEU A 483 4.52 -17.25 -17.60
C LEU A 483 5.75 -17.14 -16.72
N CYS A 484 6.54 -16.08 -16.84
CA CYS A 484 7.78 -16.07 -16.09
C CYS A 484 7.67 -15.24 -14.72
N GLU A 485 6.44 -15.01 -14.22
CA GLU A 485 6.21 -14.18 -12.99
C GLU A 485 4.71 -14.12 -12.54
N PRO A 486 4.44 -14.19 -11.22
CA PRO A 486 3.05 -14.16 -10.78
C PRO A 486 2.44 -12.78 -10.83
N LEU A 487 1.14 -12.73 -11.02
CA LEU A 487 0.52 -11.50 -11.35
C LEU A 487 0.44 -10.72 -10.09
N PRO A 488 0.88 -9.47 -10.14
CA PRO A 488 0.57 -8.54 -9.07
C PRO A 488 -0.90 -8.46 -8.75
N SER A 489 -1.19 -8.04 -7.52
CA SER A 489 -2.53 -7.84 -7.04
C SER A 489 -2.94 -6.39 -7.23
N LEU A 490 -4.24 -6.18 -7.31
CA LEU A 490 -4.79 -4.88 -7.54
C LEU A 490 -4.54 -3.90 -6.41
N ALA A 491 -4.32 -4.38 -5.18
CA ALA A 491 -3.70 -3.54 -4.15
C ALA A 491 -2.25 -3.11 -4.53
N GLU A 492 -1.49 -4.04 -5.09
CA GLU A 492 -0.09 -3.83 -5.46
C GLU A 492 0.06 -2.90 -6.68
N SER A 493 -0.70 -3.21 -7.74
CA SER A 493 -0.86 -2.34 -8.92
C SER A 493 -1.44 -0.96 -8.61
N ARG A 494 -2.44 -0.91 -7.74
CA ARG A 494 -3.10 0.33 -7.37
C ARG A 494 -2.23 1.29 -6.58
N ALA A 495 -1.31 0.73 -5.79
CA ALA A 495 -0.41 1.55 -4.97
C ALA A 495 0.79 2.17 -5.72
N LEU A 496 1.37 1.36 -6.61
CA LEU A 496 2.24 1.77 -7.75
C LEU A 496 1.69 2.86 -8.68
N ALA A 497 0.42 2.78 -9.05
CA ALA A 497 -0.23 3.84 -9.78
C ALA A 497 -0.25 5.11 -8.97
N GLN A 498 -0.81 5.04 -7.76
CA GLN A 498 -0.95 6.22 -6.91
C GLN A 498 0.44 6.75 -6.66
N LEU A 499 1.33 5.83 -6.36
CA LEU A 499 2.72 6.16 -6.18
C LEU A 499 3.31 6.89 -7.38
N SER A 500 3.22 6.28 -8.55
CA SER A 500 3.87 6.80 -9.74
C SER A 500 3.33 8.23 -9.97
N LEU A 501 2.05 8.45 -9.75
CA LEU A 501 1.47 9.76 -9.96
C LEU A 501 2.02 10.83 -9.02
N SER A 502 2.31 10.48 -7.77
CA SER A 502 2.90 11.43 -6.80
C SER A 502 4.23 11.94 -7.28
N ARG A 503 5.07 11.07 -7.84
CA ARG A 503 6.42 11.47 -8.25
C ARG A 503 6.44 12.32 -9.53
N LEU A 504 5.42 12.20 -10.35
CA LEU A 504 5.30 12.99 -11.58
C LEU A 504 5.56 14.47 -11.35
N SER A 505 6.25 15.14 -12.26
CA SER A 505 6.41 16.59 -12.08
C SER A 505 5.09 17.29 -12.26
N PRO A 506 4.99 18.55 -11.79
CA PRO A 506 3.69 19.18 -11.73
C PRO A 506 3.15 19.50 -13.15
N GLU A 507 4.06 19.49 -14.13
CA GLU A 507 3.85 19.99 -15.50
C GLU A 507 3.31 18.89 -16.42
N HIS A 508 3.51 17.65 -16.00
CA HIS A 508 2.91 16.49 -16.64
C HIS A 508 1.62 16.04 -15.96
N ARG A 509 1.48 16.42 -14.70
CA ARG A 509 0.28 16.12 -13.96
C ARG A 509 -0.88 17.04 -14.34
N ARG A 510 -0.60 18.32 -14.51
CA ARG A 510 -1.45 19.19 -15.34
C ARG A 510 -2.49 18.53 -16.27
N LEU A 511 -3.74 18.92 -16.06
CA LEU A 511 -4.89 18.38 -16.80
C LEU A 511 -5.04 19.00 -18.15
N ARG A 512 -5.20 20.32 -18.15
CA ARG A 512 -5.08 21.12 -19.37
C ARG A 512 -3.62 21.45 -19.67
N SER A 513 -3.22 21.18 -20.91
CA SER A 513 -2.06 21.78 -21.56
C SER A 513 -0.76 21.43 -20.87
N PRO A 514 -0.49 20.13 -20.65
CA PRO A 514 0.68 19.75 -19.87
C PRO A 514 1.91 19.69 -20.75
N ALA A 515 3.09 19.60 -20.15
CA ALA A 515 4.32 19.51 -20.92
C ALA A 515 4.48 18.15 -21.67
N GLN A 516 5.21 18.21 -22.78
CA GLN A 516 5.31 17.05 -23.62
C GLN A 516 6.45 16.28 -23.05
N TYR A 517 6.18 15.03 -22.73
CA TYR A 517 7.22 14.17 -22.24
C TYR A 517 8.07 13.72 -23.40
N GLN A 518 9.36 13.95 -23.26
CA GLN A 518 10.30 13.62 -24.28
C GLN A 518 10.75 12.19 -24.23
N VAL A 519 10.74 11.56 -25.41
CA VAL A 519 11.24 10.22 -25.62
C VAL A 519 12.34 10.25 -26.61
N VAL A 520 13.38 9.47 -26.37
CA VAL A 520 14.68 9.78 -26.92
C VAL A 520 15.46 8.52 -27.11
N LEU A 521 16.56 8.63 -27.84
CA LEU A 521 17.12 7.48 -28.55
C LEU A 521 18.56 7.33 -28.15
N SER A 522 19.03 6.10 -28.12
CA SER A 522 20.45 5.88 -28.06
C SER A 522 21.10 6.36 -29.37
N GLU A 523 22.35 6.80 -29.30
CA GLU A 523 23.23 6.85 -30.48
C GLU A 523 23.06 5.68 -31.49
N ARG A 524 23.16 4.45 -31.00
CA ARG A 524 23.06 3.24 -31.81
C ARG A 524 21.67 3.01 -32.41
N LEU A 525 20.65 3.31 -31.64
CA LEU A 525 19.29 3.32 -32.19
C LEU A 525 19.04 4.40 -33.21
N GLN A 526 19.61 5.56 -33.00
CA GLN A 526 19.47 6.65 -33.93
C GLN A 526 20.29 6.39 -35.14
N ALA A 527 21.26 5.53 -35.03
CA ALA A 527 22.16 5.24 -36.10
C ALA A 527 21.56 4.25 -37.05
N LEU A 528 20.57 3.51 -36.59
CA LEU A 528 19.85 2.52 -37.37
C LEU A 528 18.67 3.14 -38.02
N VAL A 529 18.19 4.22 -37.47
CA VAL A 529 17.07 4.92 -38.01
C VAL A 529 17.49 5.70 -39.21
N ASN A 530 18.76 5.99 -39.28
CA ASN A 530 19.31 6.72 -40.37
C ASN A 530 19.87 5.63 -41.20
N SER A 531 19.13 5.26 -42.22
CA SER A 531 19.36 4.14 -43.13
C SER A 531 18.05 3.42 -43.33
N LEU A 532 17.25 3.85 -44.31
CA LEU A 532 17.43 5.09 -45.02
C LEU A 532 16.49 5.78 -44.16
N CYS A 533 16.27 7.05 -44.37
CA CYS A 533 15.71 7.89 -43.33
C CYS A 533 14.59 7.35 -42.53
N LEU B 16 30.24 13.32 15.74
CA LEU B 16 30.31 11.86 16.01
C LEU B 16 31.38 11.24 15.10
N LEU B 17 32.61 11.73 15.24
CA LEU B 17 33.75 10.96 15.77
C LEU B 17 33.86 10.84 17.33
N THR B 18 33.85 9.59 17.82
CA THR B 18 33.56 9.31 19.23
C THR B 18 34.60 8.50 19.97
N ASP B 19 35.51 7.83 19.28
CA ASP B 19 36.46 6.95 19.98
C ASP B 19 37.92 7.25 19.59
N LEU B 20 38.87 7.05 20.50
CA LEU B 20 40.26 7.42 20.19
C LEU B 20 40.78 6.73 18.93
N TYR B 21 40.64 5.40 18.83
CA TYR B 21 41.16 4.68 17.64
C TYR B 21 40.70 5.24 16.29
N GLN B 22 39.54 5.86 16.24
CA GLN B 22 39.08 6.45 15.00
C GLN B 22 40.03 7.51 14.55
N ALA B 23 40.48 8.29 15.53
CA ALA B 23 41.34 9.46 15.32
C ALA B 23 42.81 9.11 15.13
N THR B 24 43.28 8.07 15.82
CA THR B 24 44.62 7.56 15.62
C THR B 24 44.78 6.82 14.29
N MET B 25 43.68 6.31 13.78
CA MET B 25 43.67 5.63 12.51
C MET B 25 43.55 6.67 11.44
N ALA B 26 42.65 7.62 11.63
CA ALA B 26 42.59 8.82 10.80
C ALA B 26 43.98 9.45 10.58
N LEU B 27 44.65 9.80 11.67
CA LEU B 27 45.94 10.43 11.55
C LEU B 27 46.94 9.40 11.06
N GLY B 28 46.68 8.13 11.29
CA GLY B 28 47.52 7.11 10.73
C GLY B 28 47.61 7.35 9.24
N TYR B 29 46.44 7.39 8.62
CA TYR B 29 46.29 7.49 7.17
C TYR B 29 46.73 8.84 6.60
N TRP B 30 46.42 9.90 7.32
CA TRP B 30 46.83 11.21 6.93
C TRP B 30 48.35 11.25 6.79
N ARG B 31 49.04 10.89 7.86
CA ARG B 31 50.47 10.88 7.90
C ARG B 31 51.09 10.08 6.78
N ALA B 32 50.39 9.08 6.28
CA ALA B 32 50.98 8.13 5.31
C ALA B 32 50.56 8.36 3.86
N GLY B 33 49.77 9.41 3.62
CA GLY B 33 49.50 9.86 2.28
C GLY B 33 48.22 9.31 1.72
N ARG B 34 47.41 8.70 2.57
CA ARG B 34 46.33 7.84 2.09
C ARG B 34 44.95 8.38 2.40
N ALA B 35 44.89 9.58 2.95
CA ALA B 35 43.64 10.09 3.47
C ALA B 35 42.65 10.36 2.35
N ARG B 36 43.17 10.70 1.17
CA ARG B 36 42.32 11.10 0.07
C ARG B 36 42.21 9.99 -0.95
N ASP B 37 42.77 8.83 -0.62
CA ASP B 37 42.65 7.64 -1.48
C ASP B 37 41.22 7.12 -1.62
N ALA B 38 40.92 6.61 -2.81
CA ALA B 38 39.59 6.14 -3.17
C ALA B 38 39.44 4.76 -2.65
N ALA B 39 38.45 4.55 -1.79
CA ALA B 39 38.25 3.28 -1.13
C ALA B 39 36.81 2.89 -1.35
N GLU B 40 36.53 1.60 -1.57
CA GLU B 40 35.17 1.10 -1.45
C GLU B 40 35.03 0.24 -0.22
N PHE B 41 33.90 0.33 0.48
CA PHE B 41 33.63 -0.52 1.65
C PHE B 41 32.28 -1.14 1.49
N GLU B 42 32.08 -2.29 2.12
CA GLU B 42 30.79 -2.92 2.10
C GLU B 42 30.37 -3.45 3.46
N LEU B 43 29.10 -3.22 3.80
CA LEU B 43 28.55 -3.62 5.05
C LEU B 43 27.66 -4.81 4.77
N PHE B 44 28.01 -5.97 5.27
CA PHE B 44 27.12 -7.11 5.19
C PHE B 44 27.08 -7.81 6.53
N PHE B 45 26.47 -8.98 6.61
CA PHE B 45 26.51 -9.69 7.85
C PHE B 45 26.56 -11.16 7.62
N ARG B 46 26.75 -11.90 8.71
CA ARG B 46 27.11 -13.32 8.66
C ARG B 46 26.13 -14.23 9.42
N ARG B 47 25.68 -13.79 10.60
CA ARG B 47 24.87 -14.60 11.53
C ARG B 47 23.47 -14.80 10.95
N CYS B 48 22.97 -16.03 11.05
CA CYS B 48 21.58 -16.36 10.69
C CYS B 48 20.71 -15.75 11.80
N PRO B 49 20.16 -14.54 11.58
CA PRO B 49 19.70 -13.69 12.71
C PRO B 49 18.37 -14.12 13.37
N PHE B 50 18.43 -14.30 14.69
CA PHE B 50 17.46 -15.12 15.45
C PHE B 50 17.37 -16.61 15.04
N GLY B 51 18.30 -17.10 14.21
CA GLY B 51 18.15 -18.41 13.63
C GLY B 51 17.15 -18.47 12.49
N GLY B 52 16.42 -17.37 12.30
CA GLY B 52 16.03 -16.91 10.98
C GLY B 52 17.00 -17.22 9.84
N ALA B 53 16.45 -17.17 8.62
CA ALA B 53 17.24 -17.10 7.38
C ALA B 53 17.62 -15.66 6.98
N PHE B 54 16.70 -14.73 7.15
CA PHE B 54 16.83 -13.39 6.63
C PHE B 54 16.97 -12.41 7.80
N ALA B 55 17.60 -11.28 7.53
CA ALA B 55 17.19 -10.00 8.08
C ALA B 55 16.26 -9.36 7.13
N LEU B 56 15.49 -8.43 7.65
CA LEU B 56 15.04 -7.41 6.77
C LEU B 56 15.65 -6.07 7.14
N ALA B 57 15.69 -5.19 6.14
CA ALA B 57 16.70 -4.16 6.03
C ALA B 57 16.13 -2.81 6.46
N ALA B 58 16.93 -2.13 7.24
CA ALA B 58 16.46 -0.95 7.89
C ALA B 58 17.73 -0.27 8.36
N GLY B 59 17.70 1.07 8.38
CA GLY B 59 18.77 1.91 8.94
C GLY B 59 18.98 3.19 8.17
N LEU B 60 18.80 3.10 6.87
CA LEU B 60 19.22 4.13 5.92
C LEU B 60 18.58 5.48 6.24
N ARG B 61 17.29 5.45 6.52
CA ARG B 61 16.57 6.60 7.03
C ARG B 61 17.47 7.45 7.88
N ASP B 62 18.15 6.81 8.83
CA ASP B 62 18.87 7.50 9.90
C ASP B 62 20.29 7.75 9.44
N CYS B 63 20.92 6.72 8.89
CA CYS B 63 22.13 6.91 8.09
C CYS B 63 22.16 8.27 7.43
N VAL B 64 21.22 8.55 6.53
CA VAL B 64 21.38 9.71 5.64
C VAL B 64 21.13 11.04 6.37
N ARG B 65 20.27 11.06 7.39
CA ARG B 65 20.13 12.23 8.27
C ARG B 65 21.43 12.57 8.98
N PHE B 66 22.08 11.53 9.50
CA PHE B 66 23.44 11.62 10.03
C PHE B 66 24.45 12.23 9.03
N LEU B 67 24.81 11.51 7.97
CA LEU B 67 25.56 12.08 6.83
C LEU B 67 24.83 13.29 6.16
N ARG B 68 25.13 14.51 6.59
CA ARG B 68 24.22 15.69 6.61
C ARG B 68 24.15 16.36 7.99
N ALA B 69 24.86 15.80 8.98
CA ALA B 69 25.30 16.40 10.25
C ALA B 69 26.54 15.67 10.85
N PHE B 70 27.46 15.25 9.96
CA PHE B 70 28.90 15.18 10.24
C PHE B 70 29.21 16.36 11.16
N ARG B 71 28.96 16.25 12.48
CA ARG B 71 29.09 17.42 13.41
C ARG B 71 30.38 17.46 14.25
N LEU B 72 31.32 18.29 13.79
CA LEU B 72 32.64 18.37 14.38
C LEU B 72 32.87 19.82 14.76
N ARG B 73 32.59 20.16 16.02
CA ARG B 73 32.84 21.53 16.50
C ARG B 73 34.32 21.75 16.70
N ASP B 74 34.79 22.95 16.42
CA ASP B 74 36.18 23.32 16.63
C ASP B 74 36.67 22.98 18.05
N ALA B 75 35.76 22.93 19.01
CA ALA B 75 36.10 22.52 20.36
C ALA B 75 36.25 21.01 20.55
N ASP B 76 35.53 20.22 19.75
CA ASP B 76 35.74 18.75 19.67
C ASP B 76 37.13 18.45 19.18
N VAL B 77 37.56 19.20 18.18
CA VAL B 77 38.82 18.97 17.48
C VAL B 77 39.98 19.43 18.34
N GLN B 78 39.85 20.61 18.93
CA GLN B 78 40.91 21.14 19.80
C GLN B 78 41.23 20.12 20.87
N PHE B 79 40.19 19.52 21.40
CA PHE B 79 40.35 18.41 22.30
C PHE B 79 41.16 17.26 21.78
N LEU B 80 40.87 16.80 20.56
CA LEU B 80 41.64 15.71 19.97
C LEU B 80 43.10 16.05 19.89
N ALA B 81 43.42 17.32 19.63
CA ALA B 81 44.82 17.75 19.58
C ALA B 81 45.49 17.67 20.94
N SER B 82 44.75 17.92 22.02
CA SER B 82 45.23 17.62 23.38
C SER B 82 45.73 16.20 23.56
N VAL B 83 44.95 15.23 23.13
CA VAL B 83 45.25 13.82 23.39
C VAL B 83 46.30 13.31 22.42
N LEU B 84 46.44 13.94 21.27
CA LEU B 84 47.30 13.42 20.20
C LEU B 84 48.70 14.00 20.41
N PRO B 85 49.72 13.53 19.64
CA PRO B 85 51.05 14.15 19.80
C PRO B 85 51.01 15.65 19.47
N PRO B 86 51.72 16.45 20.27
CA PRO B 86 52.10 17.76 19.79
C PRO B 86 53.23 17.67 18.74
N ASP B 87 53.55 18.80 18.10
CA ASP B 87 52.89 19.21 16.85
C ASP B 87 52.80 18.03 15.88
N THR B 88 51.63 17.41 15.83
CA THR B 88 51.27 16.73 14.64
C THR B 88 51.13 17.81 13.54
N ASP B 89 51.75 17.51 12.39
CA ASP B 89 51.17 17.53 11.02
C ASP B 89 50.30 18.74 10.77
N PRO B 90 50.74 19.57 9.84
CA PRO B 90 51.34 20.84 10.26
C PRO B 90 50.41 21.63 11.22
N ALA B 91 49.74 20.92 12.10
CA ALA B 91 48.37 21.25 12.45
C ALA B 91 47.35 21.31 11.29
N PHE B 92 47.51 20.48 10.25
CA PHE B 92 46.38 19.91 9.45
C PHE B 92 45.49 18.78 10.15
N PHE B 93 45.14 19.00 11.41
CA PHE B 93 43.75 19.12 11.89
C PHE B 93 42.75 19.93 11.07
N GLU B 94 43.19 20.83 10.17
CA GLU B 94 42.30 21.50 9.21
C GLU B 94 41.38 20.54 8.49
N HIS B 95 41.90 19.33 8.23
CA HIS B 95 41.23 18.36 7.42
C HIS B 95 39.98 18.02 8.13
N LEU B 96 40.11 17.89 9.43
CA LEU B 96 39.05 17.42 10.24
C LEU B 96 38.00 18.46 10.35
N ARG B 97 38.34 19.74 10.16
CA ARG B 97 37.32 20.79 10.13
C ARG B 97 36.69 21.04 8.75
N ALA B 98 37.32 20.56 7.69
CA ALA B 98 36.80 20.71 6.33
C ALA B 98 35.78 19.61 5.92
N LEU B 99 35.94 18.38 6.44
CA LEU B 99 34.92 17.29 6.51
C LEU B 99 33.49 17.53 5.90
N ASP B 100 32.95 16.59 5.11
CA ASP B 100 33.70 15.90 4.06
C ASP B 100 34.10 16.84 2.91
N CYS B 101 33.32 17.91 2.72
CA CYS B 101 31.97 17.83 2.17
C CYS B 101 31.89 17.28 0.74
N SER B 102 30.82 16.53 0.47
CA SER B 102 30.99 15.12 0.43
C SER B 102 31.48 14.73 -0.94
N GLU B 103 32.33 13.72 -0.91
CA GLU B 103 32.81 13.06 -2.08
C GLU B 103 32.51 11.58 -1.93
N VAL B 104 31.46 11.34 -1.15
CA VAL B 104 30.99 10.04 -0.72
C VAL B 104 29.80 9.59 -1.56
N THR B 105 29.64 8.29 -1.65
CA THR B 105 28.75 7.69 -2.60
C THR B 105 28.20 6.47 -1.91
N VAL B 106 26.92 6.17 -2.05
CA VAL B 106 26.35 5.02 -1.35
C VAL B 106 25.38 4.33 -2.28
N ARG B 107 25.53 3.00 -2.37
CA ARG B 107 24.46 2.11 -2.77
C ARG B 107 23.96 1.25 -1.63
N ALA B 108 22.64 1.04 -1.62
CA ALA B 108 21.97 0.54 -0.45
C ALA B 108 20.77 -0.23 -0.91
N LEU B 109 20.58 -1.44 -0.37
CA LEU B 109 19.27 -2.07 -0.31
C LEU B 109 18.25 -1.09 0.19
N PRO B 110 17.16 -0.86 -0.57
CA PRO B 110 15.95 -0.21 -0.02
C PRO B 110 15.41 -0.83 1.28
N GLU B 111 14.99 -0.01 2.22
CA GLU B 111 14.42 -0.50 3.45
C GLU B 111 13.16 -1.20 3.14
N GLY B 112 12.92 -2.26 3.89
CA GLY B 112 11.90 -3.22 3.51
C GLY B 112 12.52 -4.43 2.86
N SER B 113 13.52 -4.26 1.98
CA SER B 113 14.15 -5.39 1.27
C SER B 113 14.52 -6.46 2.24
N LEU B 114 14.45 -7.71 1.83
CA LEU B 114 15.06 -8.81 2.61
C LEU B 114 16.53 -8.89 2.42
N ALA B 115 17.23 -9.39 3.43
CA ALA B 115 18.68 -9.40 3.39
C ALA B 115 19.19 -10.71 3.90
N PHE B 116 20.13 -11.29 3.17
CA PHE B 116 20.64 -12.59 3.51
C PHE B 116 22.13 -12.41 3.83
N PRO B 117 22.67 -13.28 4.68
CA PRO B 117 24.10 -13.24 5.02
C PRO B 117 25.04 -13.29 3.83
N GLY B 118 26.06 -12.46 3.90
CA GLY B 118 27.11 -12.46 2.88
C GLY B 118 26.62 -11.90 1.57
N VAL B 119 25.63 -10.99 1.63
CA VAL B 119 25.36 -9.98 0.60
C VAL B 119 25.40 -8.55 1.15
N PRO B 120 26.05 -7.61 0.43
CA PRO B 120 26.14 -6.23 0.95
C PRO B 120 24.78 -5.56 1.10
N LEU B 121 24.62 -4.69 2.09
CA LEU B 121 23.42 -3.85 2.25
C LEU B 121 23.70 -2.40 1.96
N LEU B 122 24.87 -1.93 2.41
CA LEU B 122 25.51 -0.73 1.90
C LEU B 122 26.73 -1.07 1.12
N GLN B 123 27.06 -0.26 0.14
CA GLN B 123 28.43 -0.15 -0.33
C GLN B 123 28.78 1.28 -0.29
N VAL B 124 29.92 1.63 0.29
CA VAL B 124 30.26 3.02 0.53
C VAL B 124 31.57 3.36 -0.10
N SER B 125 31.64 4.53 -0.71
CA SER B 125 32.73 4.87 -1.60
C SER B 125 33.15 6.28 -1.46
N GLY B 126 34.45 6.51 -1.39
CA GLY B 126 34.98 7.81 -1.05
C GLY B 126 36.46 7.84 -0.67
N PRO B 127 36.94 9.03 -0.26
CA PRO B 127 38.21 9.24 0.39
C PRO B 127 38.38 8.32 1.58
N LEU B 128 39.50 7.60 1.62
CA LEU B 128 39.68 6.49 2.53
C LEU B 128 39.42 6.94 3.92
N LEU B 129 39.97 8.07 4.30
CA LEU B 129 40.02 8.45 5.70
C LEU B 129 38.62 8.64 6.21
N VAL B 130 37.79 9.20 5.36
CA VAL B 130 36.42 9.54 5.70
C VAL B 130 35.56 8.29 5.85
N VAL B 131 35.46 7.51 4.75
CA VAL B 131 34.54 6.36 4.71
C VAL B 131 34.91 5.34 5.74
N GLN B 132 36.17 5.38 6.15
CA GLN B 132 36.63 4.63 7.29
C GLN B 132 35.92 5.06 8.59
N LEU B 133 35.94 6.34 8.92
CA LEU B 133 35.19 6.87 10.06
C LEU B 133 33.76 6.35 10.27
N LEU B 134 33.09 6.02 9.17
CA LEU B 134 31.70 5.61 9.17
C LEU B 134 31.47 4.17 9.59
N GLU B 135 32.51 3.33 9.67
CA GLU B 135 32.31 1.96 10.14
C GLU B 135 31.38 2.00 11.35
N THR B 136 31.74 2.77 12.36
CA THR B 136 31.12 2.59 13.68
C THR B 136 29.65 3.03 13.65
N PRO B 137 29.40 4.28 13.25
CA PRO B 137 28.01 4.73 13.10
C PRO B 137 27.10 3.88 12.19
N LEU B 138 27.62 3.26 11.14
CA LEU B 138 26.73 2.63 10.18
C LEU B 138 26.27 1.34 10.75
N LEU B 139 27.18 0.62 11.39
CA LEU B 139 26.78 -0.56 12.12
C LEU B 139 25.75 -0.21 13.15
N CYS B 140 26.01 0.79 14.00
CA CYS B 140 25.08 1.16 15.10
C CYS B 140 23.72 1.09 14.48
N LEU B 141 23.54 1.92 13.46
CA LEU B 141 22.24 2.22 12.91
C LEU B 141 21.63 0.99 12.25
N VAL B 142 22.39 0.38 11.35
CA VAL B 142 21.83 -0.67 10.52
C VAL B 142 21.50 -1.92 11.36
N SER B 143 22.43 -2.25 12.24
CA SER B 143 22.37 -3.50 12.98
C SER B 143 21.17 -3.41 13.87
N TYR B 144 20.90 -2.23 14.38
CA TYR B 144 19.90 -2.16 15.40
C TYR B 144 18.56 -2.13 14.66
N ALA B 145 18.40 -1.13 13.81
CA ALA B 145 17.24 -1.00 12.97
C ALA B 145 16.79 -2.32 12.38
N SER B 146 17.72 -3.06 11.83
CA SER B 146 17.37 -4.29 11.14
C SER B 146 16.93 -5.35 12.11
N LEU B 147 17.52 -5.39 13.29
CA LEU B 147 17.11 -6.38 14.28
C LEU B 147 15.68 -6.14 14.76
N VAL B 148 15.28 -4.89 14.89
CA VAL B 148 13.98 -4.59 15.44
C VAL B 148 12.89 -4.91 14.41
N ALA B 149 13.22 -4.60 13.16
CA ALA B 149 12.29 -4.83 12.09
C ALA B 149 12.10 -6.36 11.99
N THR B 150 13.23 -7.08 12.02
CA THR B 150 13.24 -8.49 11.69
C THR B 150 12.43 -9.24 12.70
N ASN B 151 12.49 -8.77 13.93
CA ASN B 151 11.72 -9.35 14.97
C ASN B 151 10.27 -8.98 14.85
N ALA B 152 10.00 -7.78 14.44
CA ALA B 152 8.61 -7.40 14.34
C ALA B 152 7.92 -8.26 13.28
N ALA B 153 8.64 -8.55 12.21
CA ALA B 153 8.29 -9.52 11.16
C ALA B 153 7.98 -10.91 11.63
N ARG B 154 8.75 -11.42 12.59
CA ARG B 154 8.56 -12.79 13.09
C ARG B 154 7.38 -12.87 14.00
N LEU B 155 7.11 -11.78 14.72
CA LEU B 155 5.89 -11.69 15.55
C LEU B 155 4.65 -11.62 14.68
N ARG B 156 4.73 -10.85 13.59
CA ARG B 156 3.62 -10.76 12.66
C ARG B 156 3.40 -12.10 11.99
N LEU B 157 4.46 -12.87 11.81
CA LEU B 157 4.34 -14.22 11.28
C LEU B 157 3.58 -15.14 12.23
N ILE B 158 3.88 -15.04 13.52
CA ILE B 158 3.18 -15.82 14.55
C ILE B 158 1.69 -15.39 14.65
N ALA B 159 1.44 -14.08 14.67
CA ALA B 159 0.10 -13.54 14.86
C ALA B 159 -0.69 -13.76 13.62
N GLY B 160 -0.11 -13.40 12.50
CA GLY B 160 -0.82 -13.36 11.21
C GLY B 160 -1.86 -12.27 11.14
N PRO B 161 -2.29 -11.92 9.93
CA PRO B 161 -2.65 -10.54 9.62
C PRO B 161 -4.16 -10.35 9.53
N GLU B 162 -4.77 -9.51 10.37
CA GLU B 162 -6.24 -9.53 10.46
C GLU B 162 -6.95 -8.14 10.54
N LYS B 163 -6.81 -7.44 11.68
CA LYS B 163 -7.50 -6.14 11.95
C LYS B 163 -6.53 -4.90 12.04
N ARG B 164 -6.60 -4.13 13.13
CA ARG B 164 -5.41 -3.63 13.87
C ARG B 164 -5.17 -4.33 15.22
N LEU B 165 -4.27 -5.29 15.21
CA LEU B 165 -4.16 -6.25 16.24
C LEU B 165 -3.09 -5.76 17.14
N LEU B 166 -2.06 -5.18 16.55
CA LEU B 166 -0.71 -5.44 16.97
C LEU B 166 -0.10 -4.11 17.37
N GLU B 167 0.26 -3.99 18.63
CA GLU B 167 0.48 -2.72 19.28
C GLU B 167 1.85 -2.72 19.92
N MET B 168 2.74 -1.88 19.43
CA MET B 168 4.01 -1.69 20.12
C MET B 168 3.75 -0.77 21.30
N GLY B 169 4.22 -1.16 22.45
CA GLY B 169 5.29 -0.43 23.05
C GLY B 169 5.16 -0.59 24.51
N LEU B 170 4.55 0.41 25.12
CA LEU B 170 4.00 0.28 26.46
C LEU B 170 5.18 0.28 27.49
N ARG B 171 6.39 0.56 27.00
CA ARG B 171 7.64 0.06 27.58
C ARG B 171 8.81 0.80 26.96
N ARG B 172 9.92 0.89 27.70
CA ARG B 172 10.54 2.17 28.03
C ARG B 172 12.00 2.23 27.55
N ALA B 173 12.47 3.44 27.26
CA ALA B 173 13.43 3.63 26.18
C ALA B 173 14.73 2.88 26.48
N GLN B 174 15.45 2.50 25.42
CA GLN B 174 16.90 2.35 25.44
C GLN B 174 17.56 3.40 26.33
N GLY B 175 17.26 4.67 26.07
CA GLY B 175 18.25 5.74 26.08
C GLY B 175 17.58 7.09 26.26
N PRO B 176 18.34 8.17 26.02
CA PRO B 176 17.80 9.52 26.16
C PRO B 176 16.51 9.69 25.38
N ASP B 177 16.54 9.38 24.09
CA ASP B 177 15.43 9.71 23.18
C ASP B 177 14.99 8.55 22.26
N GLY B 178 15.81 7.49 22.13
CA GLY B 178 15.70 6.59 20.99
C GLY B 178 14.53 5.58 21.01
N GLY B 179 13.63 5.69 22.01
CA GLY B 179 12.27 5.13 21.91
C GLY B 179 11.71 5.23 20.50
N LEU B 180 12.03 6.32 19.86
CA LEU B 180 11.71 6.54 18.49
C LEU B 180 11.87 5.30 17.64
N THR B 181 12.99 4.62 17.74
CA THR B 181 13.44 3.81 16.62
C THR B 181 12.85 2.39 16.69
N ALA B 182 12.89 1.80 17.87
CA ALA B 182 11.95 0.74 18.22
C ALA B 182 10.59 0.92 17.60
N SER B 183 10.01 2.09 17.82
CA SER B 183 8.69 2.36 17.28
C SER B 183 8.71 2.35 15.74
N THR B 184 9.60 3.15 15.16
CA THR B 184 9.72 3.28 13.71
C THR B 184 9.75 1.93 13.00
N TYR B 185 10.60 1.05 13.49
CA TYR B 185 10.97 -0.10 12.72
C TYR B 185 10.16 -1.35 13.10
N SER B 186 9.54 -1.36 14.27
CA SER B 186 8.40 -2.25 14.51
C SER B 186 7.23 -2.04 13.56
N TYR B 187 6.95 -0.78 13.23
CA TYR B 187 5.95 -0.48 12.19
C TYR B 187 6.31 -1.10 10.84
N LEU B 188 7.50 -0.78 10.38
CA LEU B 188 8.07 -1.45 9.23
C LEU B 188 7.87 -2.96 9.24
N GLY B 189 8.19 -3.58 10.36
CA GLY B 189 8.13 -5.05 10.44
C GLY B 189 6.72 -5.57 10.28
N GLY B 190 5.74 -4.81 10.73
CA GLY B 190 4.34 -5.21 10.66
C GLY B 190 3.37 -4.77 11.75
N PHE B 191 3.85 -4.18 12.84
CA PHE B 191 2.93 -3.72 13.88
C PHE B 191 2.15 -2.57 13.29
N ASP B 192 0.93 -2.33 13.78
CA ASP B 192 0.02 -1.34 13.17
C ASP B 192 0.02 0.04 13.79
N SER B 193 0.47 0.13 15.04
CA SER B 193 0.47 1.39 15.76
C SER B 193 1.39 1.26 16.95
N SER B 194 1.42 2.30 17.76
CA SER B 194 2.45 2.46 18.75
C SER B 194 1.98 3.46 19.80
N SER B 195 2.34 3.23 21.06
CA SER B 195 2.28 4.26 22.08
C SER B 195 3.22 5.48 21.86
N ASN B 196 4.38 5.29 21.23
CA ASN B 196 5.41 6.33 21.17
C ASN B 196 4.97 7.53 20.34
N VAL B 197 5.10 8.72 20.91
CA VAL B 197 4.68 9.98 20.27
C VAL B 197 5.75 10.72 19.47
N LEU B 198 7.01 10.33 19.64
CA LEU B 198 8.11 10.86 18.83
C LEU B 198 7.97 10.32 17.42
N ALA B 199 7.86 9.00 17.31
CA ALA B 199 7.61 8.33 16.04
C ALA B 199 6.34 8.78 15.37
N GLY B 200 5.35 9.17 16.16
CA GLY B 200 4.08 9.62 15.61
C GLY B 200 4.29 10.94 14.93
N GLN B 201 4.97 11.85 15.64
CA GLN B 201 5.11 13.23 15.17
C GLN B 201 5.98 13.32 13.93
N LEU B 202 7.20 12.82 14.08
CA LEU B 202 8.16 12.70 12.98
C LEU B 202 7.59 11.94 11.79
N ARG B 203 7.21 10.69 12.04
CA ARG B 203 7.09 9.70 10.99
C ARG B 203 5.66 9.22 10.84
N GLY B 204 4.71 9.77 11.58
CA GLY B 204 3.30 9.35 11.47
C GLY B 204 3.05 7.84 11.57
N VAL B 205 3.74 7.18 12.50
CA VAL B 205 3.27 5.89 12.97
C VAL B 205 1.89 6.10 13.63
N PRO B 206 0.96 5.16 13.41
CA PRO B 206 -0.24 5.44 14.17
C PRO B 206 0.04 5.28 15.67
N VAL B 207 -0.50 6.20 16.43
CA VAL B 207 -0.33 6.27 17.87
C VAL B 207 -1.61 5.79 18.58
N ALA B 208 -1.45 4.78 19.43
CA ALA B 208 -2.46 4.39 20.40
C ALA B 208 -1.79 4.06 21.71
N GLY B 209 -2.58 3.49 22.63
CA GLY B 209 -2.06 2.96 23.90
C GLY B 209 -2.16 4.01 24.98
N THR B 210 -3.25 3.98 25.74
CA THR B 210 -3.61 5.14 26.49
C THR B 210 -3.56 4.91 27.98
N LEU B 211 -3.42 3.67 28.44
CA LEU B 211 -3.84 3.27 29.81
C LEU B 211 -2.66 2.87 30.71
N ALA B 212 -2.81 3.10 32.02
CA ALA B 212 -1.69 3.01 32.96
C ALA B 212 -2.13 2.69 34.36
N HIS B 213 -1.37 1.84 35.03
CA HIS B 213 -1.77 1.29 36.31
C HIS B 213 -1.64 2.37 37.36
N SER B 214 -0.87 3.40 37.01
CA SER B 214 -0.32 4.34 37.98
C SER B 214 -1.29 5.50 38.23
N PHE B 215 -2.13 5.71 37.20
CA PHE B 215 -3.33 6.52 37.27
C PHE B 215 -4.33 5.90 38.21
N VAL B 216 -4.66 4.64 37.97
CA VAL B 216 -5.67 3.98 38.79
C VAL B 216 -5.31 3.99 40.29
N THR B 217 -4.02 3.87 40.63
CA THR B 217 -3.64 3.53 42.00
C THR B 217 -3.30 4.78 42.75
N SER B 218 -3.34 5.90 42.05
CA SER B 218 -3.16 7.20 42.68
C SER B 218 -4.44 7.73 43.32
N PHE B 219 -5.56 7.01 43.11
CA PHE B 219 -6.87 7.43 43.62
C PHE B 219 -7.24 6.59 44.84
N SER B 220 -7.52 7.27 45.94
CA SER B 220 -7.88 6.63 47.19
C SER B 220 -9.27 6.03 47.10
N GLY B 221 -10.21 6.75 46.45
CA GLY B 221 -11.60 6.82 46.92
C GLY B 221 -12.19 8.23 46.94
N SER B 222 -11.42 9.18 47.46
CA SER B 222 -11.95 10.49 47.80
C SER B 222 -12.00 11.37 46.55
N GLU B 223 -13.13 11.27 45.85
CA GLU B 223 -13.34 11.95 44.57
C GLU B 223 -13.55 13.43 44.82
N VAL B 224 -13.37 14.23 43.78
CA VAL B 224 -13.55 15.66 43.93
C VAL B 224 -14.23 16.32 42.70
N PRO B 225 -15.14 17.28 43.00
CA PRO B 225 -15.90 18.11 42.08
C PRO B 225 -15.36 19.56 41.94
N PRO B 226 -14.06 19.71 41.58
CA PRO B 226 -13.80 21.00 40.95
C PRO B 226 -14.75 21.23 39.75
N ASP B 227 -15.02 20.15 39.02
CA ASP B 227 -16.23 20.04 38.20
C ASP B 227 -16.50 18.59 37.81
N PRO B 228 -17.52 17.96 38.43
CA PRO B 228 -17.89 16.55 38.15
C PRO B 228 -18.77 16.35 36.92
N MET B 229 -19.06 17.42 36.19
CA MET B 229 -20.19 17.46 35.29
C MET B 229 -19.66 17.21 33.90
N LEU B 230 -20.32 16.31 33.16
CA LEU B 230 -19.92 15.92 31.82
C LEU B 230 -20.93 16.52 30.86
N ALA B 231 -20.47 17.33 29.93
CA ALA B 231 -21.36 17.84 28.91
C ALA B 231 -22.02 16.75 28.08
N PRO B 232 -23.25 16.99 27.64
CA PRO B 232 -23.97 16.06 26.77
C PRO B 232 -23.33 15.88 25.38
N ALA B 233 -23.47 14.70 24.80
CA ALA B 233 -22.69 14.36 23.62
C ALA B 233 -23.02 15.29 22.44
N ALA B 234 -24.18 15.93 22.55
CA ALA B 234 -24.89 16.58 21.45
C ALA B 234 -24.80 18.15 21.52
N GLY B 235 -25.62 18.83 22.33
CA GLY B 235 -25.25 20.20 22.71
C GLY B 235 -26.34 21.12 23.19
N GLU B 236 -26.01 21.97 24.15
CA GLU B 236 -26.83 22.08 25.33
C GLU B 236 -25.99 22.26 26.60
N GLY B 237 -26.55 23.02 27.53
CA GLY B 237 -25.86 23.41 28.73
C GLY B 237 -25.68 22.24 29.68
N PRO B 238 -26.55 22.14 30.72
CA PRO B 238 -26.38 21.14 31.79
C PRO B 238 -26.29 19.71 31.24
N GLY B 239 -25.21 19.02 31.62
CA GLY B 239 -25.11 17.58 31.44
C GLY B 239 -25.44 16.83 32.72
N VAL B 240 -24.55 15.93 33.12
CA VAL B 240 -24.79 15.07 34.26
C VAL B 240 -23.58 15.17 35.20
N ASP B 241 -23.84 15.22 36.50
CA ASP B 241 -22.86 14.87 37.50
C ASP B 241 -22.45 13.43 37.27
N LEU B 242 -21.45 13.20 36.42
CA LEU B 242 -21.18 11.86 35.87
C LEU B 242 -20.87 10.88 36.98
N ALA B 243 -20.18 11.36 38.02
CA ALA B 243 -19.89 10.55 39.22
C ALA B 243 -21.12 10.00 39.94
N ALA B 244 -22.08 10.89 40.22
CA ALA B 244 -23.35 10.53 40.84
C ALA B 244 -24.05 9.43 40.08
N LYS B 245 -24.24 9.64 38.77
CA LYS B 245 -24.95 8.66 37.91
C LYS B 245 -24.30 7.26 37.89
N ALA B 246 -22.98 7.23 37.92
CA ALA B 246 -22.24 5.98 37.79
C ALA B 246 -22.40 5.14 39.04
N GLN B 247 -22.53 5.78 40.17
CA GLN B 247 -23.00 5.10 41.37
C GLN B 247 -24.36 4.45 41.12
N VAL B 248 -25.27 5.22 40.56
CA VAL B 248 -26.61 4.75 40.34
C VAL B 248 -26.56 3.56 39.42
N TRP B 249 -25.71 3.62 38.39
CA TRP B 249 -25.60 2.48 37.48
C TRP B 249 -24.90 1.28 38.11
N LEU B 250 -24.06 1.55 39.09
CA LEU B 250 -23.36 0.49 39.81
C LEU B 250 -24.31 -0.38 40.63
N GLU B 251 -25.37 0.19 41.17
CA GLU B 251 -26.34 -0.66 41.82
C GLU B 251 -26.88 -1.67 40.82
N GLN B 252 -27.25 -1.21 39.62
CA GLN B 252 -27.94 -2.05 38.63
C GLN B 252 -27.05 -3.21 38.16
N VAL B 253 -25.76 -2.93 38.08
CA VAL B 253 -24.80 -3.87 37.59
C VAL B 253 -24.56 -4.99 38.60
N CYS B 254 -24.28 -4.60 39.84
CA CYS B 254 -24.05 -5.55 40.90
C CYS B 254 -25.25 -6.43 41.11
N ALA B 255 -26.45 -5.85 41.04
CA ALA B 255 -27.69 -6.61 40.90
C ALA B 255 -27.66 -7.58 39.71
N HIS B 256 -27.20 -7.13 38.54
CA HIS B 256 -27.16 -7.99 37.36
C HIS B 256 -26.08 -9.07 37.47
N LEU B 257 -25.28 -9.05 38.52
CA LEU B 257 -24.01 -9.78 38.53
C LEU B 257 -23.77 -10.64 39.79
N GLY B 258 -24.70 -10.57 40.75
CA GLY B 258 -24.46 -11.06 42.11
C GLY B 258 -23.21 -10.52 42.77
N LEU B 259 -23.28 -9.25 43.20
CA LEU B 259 -22.16 -8.55 43.83
C LEU B 259 -22.67 -7.65 44.98
N GLY B 260 -21.92 -7.59 46.07
CA GLY B 260 -21.88 -6.39 46.90
C GLY B 260 -21.63 -5.11 46.12
N VAL B 261 -22.48 -4.12 46.33
CA VAL B 261 -22.22 -2.74 45.86
C VAL B 261 -20.97 -2.18 46.58
N GLN B 262 -20.76 -2.61 47.83
CA GLN B 262 -19.55 -2.28 48.59
C GLN B 262 -18.22 -2.79 47.99
N GLU B 263 -18.27 -3.59 46.93
CA GLU B 263 -17.14 -4.40 46.59
C GLU B 263 -16.19 -3.82 45.51
N PRO B 264 -16.75 -3.28 44.41
CA PRO B 264 -15.88 -2.51 43.54
C PRO B 264 -15.13 -1.39 44.25
N HIS B 265 -13.81 -1.41 44.07
CA HIS B 265 -12.90 -0.41 44.60
C HIS B 265 -13.28 0.96 44.11
N PRO B 266 -13.53 1.89 45.02
CA PRO B 266 -14.04 3.21 44.64
C PRO B 266 -12.98 4.19 44.14
N GLY B 267 -11.72 4.01 44.58
CA GLY B 267 -10.51 4.44 43.84
C GLY B 267 -10.57 4.20 42.34
N GLU B 268 -10.47 2.93 41.93
CA GLU B 268 -10.85 2.45 40.59
C GLU B 268 -12.04 3.16 39.90
N ARG B 269 -13.20 3.25 40.55
CA ARG B 269 -14.34 3.95 39.96
C ARG B 269 -14.06 5.41 39.65
N ALA B 270 -13.39 6.08 40.59
CA ALA B 270 -13.05 7.50 40.48
C ALA B 270 -12.14 7.75 39.32
N ALA B 271 -11.10 6.95 39.23
CA ALA B 271 -10.20 7.05 38.12
C ALA B 271 -10.89 6.81 36.76
N PHE B 272 -11.74 5.78 36.68
CA PHE B 272 -12.55 5.53 35.50
C PHE B 272 -13.34 6.79 35.16
N VAL B 273 -14.05 7.29 36.15
CA VAL B 273 -14.80 8.53 35.97
C VAL B 273 -13.85 9.63 35.58
N ALA B 274 -12.71 9.70 36.24
CA ALA B 274 -11.78 10.76 35.95
C ALA B 274 -11.29 10.72 34.52
N TYR B 275 -11.02 9.52 34.01
CA TYR B 275 -10.67 9.31 32.60
C TYR B 275 -11.81 9.78 31.74
N ALA B 276 -13.02 9.37 32.13
CA ALA B 276 -14.21 9.60 31.32
C ALA B 276 -14.55 11.08 31.07
N LEU B 277 -14.41 11.92 32.08
CA LEU B 277 -14.63 13.35 31.89
C LEU B 277 -13.70 13.95 30.83
N ALA B 278 -12.48 13.43 30.71
CA ALA B 278 -11.45 13.93 29.76
C ALA B 278 -11.49 13.29 28.36
N PHE B 279 -11.79 11.99 28.32
CA PHE B 279 -11.99 11.24 27.07
C PHE B 279 -13.31 10.49 27.01
N PRO B 280 -14.46 11.20 26.89
CA PRO B 280 -15.73 10.53 27.02
C PRO B 280 -16.19 9.82 25.73
N ARG B 281 -15.55 10.15 24.60
CA ARG B 281 -15.81 9.48 23.34
C ARG B 281 -14.85 8.32 23.11
N ALA B 282 -13.92 8.16 24.04
CA ALA B 282 -12.81 7.26 23.89
C ALA B 282 -12.50 6.58 25.22
N PHE B 283 -13.56 6.26 25.94
CA PHE B 283 -13.42 5.84 27.32
C PHE B 283 -12.97 4.40 27.22
N GLN B 284 -11.81 4.16 27.80
CA GLN B 284 -11.19 2.87 27.89
C GLN B 284 -11.12 2.48 29.37
N GLY B 285 -11.01 1.18 29.64
CA GLY B 285 -11.14 0.65 31.00
C GLY B 285 -10.16 -0.47 31.29
N LEU B 286 -9.25 -0.23 32.22
CA LEU B 286 -8.20 -1.16 32.59
C LEU B 286 -8.68 -2.02 33.70
N LEU B 287 -8.84 -3.32 33.45
CA LEU B 287 -9.73 -4.13 34.28
C LEU B 287 -8.97 -4.76 35.43
N ASP B 288 -7.67 -4.58 35.41
CA ASP B 288 -6.81 -5.55 35.96
C ASP B 288 -6.33 -5.17 37.37
N THR B 289 -6.47 -3.91 37.75
CA THR B 289 -5.61 -3.41 38.78
C THR B 289 -5.84 -4.25 40.02
N TYR B 290 -7.09 -4.43 40.45
CA TYR B 290 -7.33 -5.17 41.66
C TYR B 290 -7.87 -6.54 41.25
N SER B 291 -9.10 -6.58 40.77
CA SER B 291 -9.78 -7.81 40.47
C SER B 291 -10.64 -7.52 39.25
N VAL B 292 -10.48 -8.30 38.17
CA VAL B 292 -11.34 -8.13 36.99
C VAL B 292 -12.78 -8.30 37.41
N TRP B 293 -13.06 -9.39 38.11
CA TRP B 293 -14.41 -9.88 38.14
C TRP B 293 -15.20 -9.14 39.19
N ARG B 294 -14.56 -8.83 40.32
CA ARG B 294 -15.28 -8.28 41.47
C ARG B 294 -15.09 -6.77 41.63
N SER B 295 -14.19 -6.17 40.83
CA SER B 295 -13.93 -4.71 40.83
C SER B 295 -13.94 -4.10 39.44
N GLY B 296 -13.01 -4.53 38.61
CA GLY B 296 -12.67 -3.80 37.39
C GLY B 296 -13.85 -3.74 36.43
N LEU B 297 -14.40 -4.91 36.17
CA LEU B 297 -15.44 -5.03 35.23
C LEU B 297 -16.71 -4.35 35.71
N PRO B 298 -17.17 -4.64 36.93
CA PRO B 298 -18.37 -3.90 37.38
C PRO B 298 -18.24 -2.41 37.25
N ASN B 299 -17.12 -1.85 37.70
CA ASN B 299 -16.87 -0.38 37.59
C ASN B 299 -16.84 0.13 36.14
N PHE B 300 -16.37 -0.70 35.22
CA PHE B 300 -16.33 -0.31 33.81
C PHE B 300 -17.71 -0.12 33.26
N LEU B 301 -18.56 -1.09 33.56
CA LEU B 301 -19.93 -1.03 33.12
C LEU B 301 -20.73 0.12 33.79
N ALA B 302 -20.61 0.23 35.11
CA ALA B 302 -21.24 1.33 35.80
C ALA B 302 -21.01 2.54 34.97
N VAL B 303 -19.75 2.68 34.55
CA VAL B 303 -19.26 3.93 33.94
C VAL B 303 -19.47 3.97 32.42
N ALA B 304 -19.18 2.86 31.76
CA ALA B 304 -19.66 2.70 30.40
C ALA B 304 -21.12 3.11 30.25
N LEU B 305 -21.99 2.78 31.19
CA LEU B 305 -23.44 2.90 31.00
C LEU B 305 -23.98 4.25 31.42
N ALA B 306 -23.33 4.90 32.37
CA ALA B 306 -23.56 6.32 32.63
C ALA B 306 -23.24 7.24 31.41
N LEU B 307 -22.07 7.08 30.82
CA LEU B 307 -21.89 7.47 29.44
C LEU B 307 -22.97 6.73 28.68
N GLY B 308 -23.44 7.24 27.56
CA GLY B 308 -24.17 6.39 26.62
C GLY B 308 -25.64 6.75 26.61
N GLU B 309 -26.04 7.34 27.70
CA GLU B 309 -26.78 8.57 27.62
C GLU B 309 -25.73 9.66 27.21
N LEU B 310 -25.02 10.22 28.19
CA LEU B 310 -24.44 11.59 28.07
C LEU B 310 -22.89 11.71 27.95
N GLY B 311 -22.38 11.43 26.75
CA GLY B 311 -20.99 11.75 26.35
C GLY B 311 -20.41 10.55 25.61
N TYR B 312 -20.91 9.35 25.95
CA TYR B 312 -21.60 8.42 25.02
C TYR B 312 -20.63 7.29 24.58
N ARG B 313 -21.08 6.04 24.45
CA ARG B 313 -20.30 5.04 23.68
C ARG B 313 -18.81 4.93 24.04
N ALA B 314 -18.52 4.40 25.22
CA ALA B 314 -17.29 3.65 25.50
C ALA B 314 -16.71 2.79 24.39
N VAL B 315 -15.44 2.46 24.54
CA VAL B 315 -14.56 2.23 23.40
C VAL B 315 -13.57 1.06 23.50
N GLY B 316 -13.12 0.69 24.71
CA GLY B 316 -12.37 -0.57 24.92
C GLY B 316 -12.04 -0.91 26.38
N VAL B 317 -11.44 -2.08 26.59
CA VAL B 317 -10.97 -2.45 27.90
C VAL B 317 -9.64 -3.15 27.78
N ARG B 318 -8.93 -3.33 28.91
CA ARG B 318 -7.59 -3.90 28.89
C ARG B 318 -7.38 -4.92 29.96
N LEU B 319 -6.57 -5.93 29.61
CA LEU B 319 -6.07 -6.96 30.52
C LEU B 319 -4.56 -7.26 30.41
N ASP B 320 -3.94 -7.55 31.54
CA ASP B 320 -2.48 -7.76 31.62
C ASP B 320 -2.04 -9.04 32.29
N SER B 321 -2.97 -9.77 32.88
CA SER B 321 -2.61 -10.90 33.71
C SER B 321 -3.68 -11.98 33.64
N GLY B 322 -3.33 -13.17 34.14
CA GLY B 322 -4.17 -14.34 33.95
C GLY B 322 -4.05 -14.91 32.55
N ASP B 323 -4.90 -15.91 32.30
CA ASP B 323 -5.09 -16.51 30.99
C ASP B 323 -5.91 -15.50 30.24
N LEU B 324 -5.21 -14.73 29.42
CA LEU B 324 -5.82 -13.66 28.71
C LEU B 324 -6.96 -14.25 27.88
N LEU B 325 -6.67 -15.23 27.06
CA LEU B 325 -7.71 -15.87 26.27
C LEU B 325 -8.99 -16.26 27.04
N GLN B 326 -8.88 -16.78 28.27
CA GLN B 326 -10.08 -17.16 29.01
C GLN B 326 -10.84 -15.93 29.49
N GLN B 327 -10.17 -14.82 29.65
CA GLN B 327 -10.86 -13.65 30.17
C GLN B 327 -11.42 -12.80 29.06
N ALA B 328 -10.64 -12.62 28.00
CA ALA B 328 -11.17 -12.23 26.70
C ALA B 328 -12.54 -12.85 26.42
N GLN B 329 -12.62 -14.16 26.58
CA GLN B 329 -13.78 -14.89 26.10
C GLN B 329 -14.94 -14.82 27.04
N GLU B 330 -14.62 -14.84 28.34
CA GLU B 330 -15.61 -14.56 29.38
C GLU B 330 -16.06 -13.11 29.43
N ILE B 331 -15.18 -12.17 29.13
CA ILE B 331 -15.60 -10.76 29.13
C ILE B 331 -16.74 -10.44 28.12
N ARG B 332 -16.53 -10.69 26.82
CA ARG B 332 -17.64 -10.68 25.83
C ARG B 332 -18.84 -11.43 26.28
N LYS B 333 -18.60 -12.50 27.03
CA LYS B 333 -19.65 -13.42 27.38
C LYS B 333 -20.63 -12.79 28.32
N VAL B 334 -21.81 -13.42 28.23
CA VAL B 334 -23.07 -12.93 28.74
C VAL B 334 -23.44 -11.46 28.38
N PHE B 335 -22.92 -10.93 27.28
CA PHE B 335 -23.41 -9.67 26.70
C PHE B 335 -24.38 -9.97 25.61
N ARG B 336 -24.36 -11.22 25.14
CA ARG B 336 -25.54 -12.12 25.15
C ARG B 336 -26.75 -11.63 26.03
N ALA B 337 -26.50 -11.33 27.31
CA ALA B 337 -27.54 -10.80 28.24
C ALA B 337 -27.14 -9.60 29.11
N ALA B 338 -25.88 -9.22 29.11
CA ALA B 338 -25.43 -8.03 29.82
C ALA B 338 -25.64 -6.79 29.01
N ALA B 339 -26.18 -6.94 27.81
CA ALA B 339 -26.77 -5.83 27.05
C ALA B 339 -28.20 -6.09 26.56
N ALA B 340 -28.62 -7.36 26.44
CA ALA B 340 -30.05 -7.65 26.53
C ALA B 340 -30.65 -7.05 27.80
N GLN B 341 -29.97 -7.25 28.93
CA GLN B 341 -30.45 -6.82 30.24
C GLN B 341 -30.65 -5.32 30.35
N PHE B 342 -29.74 -4.55 29.75
CA PHE B 342 -29.85 -3.09 29.79
C PHE B 342 -30.20 -2.48 28.43
N GLN B 343 -30.30 -3.32 27.39
CA GLN B 343 -30.49 -2.89 26.00
C GLN B 343 -29.49 -1.82 25.54
N VAL B 344 -28.30 -2.24 25.17
CA VAL B 344 -27.32 -1.29 24.71
C VAL B 344 -26.47 -1.87 23.58
N PRO B 345 -26.97 -1.75 22.34
CA PRO B 345 -26.43 -2.41 21.17
C PRO B 345 -24.91 -2.60 21.19
N TRP B 346 -24.19 -1.59 21.66
CA TRP B 346 -22.79 -1.43 21.28
C TRP B 346 -21.86 -2.17 22.21
N LEU B 347 -22.29 -2.41 23.45
CA LEU B 347 -21.38 -2.96 24.45
C LEU B 347 -20.50 -4.10 23.91
N GLU B 348 -21.09 -5.10 23.24
CA GLU B 348 -20.36 -6.36 22.96
C GLU B 348 -19.22 -6.14 21.94
N SER B 349 -19.43 -5.22 20.99
CA SER B 349 -18.42 -4.80 20.01
C SER B 349 -17.31 -3.79 20.51
N VAL B 350 -17.35 -3.44 21.82
CA VAL B 350 -16.21 -2.83 22.55
C VAL B 350 -14.95 -3.66 22.34
N LEU B 351 -13.80 -3.00 22.27
CA LEU B 351 -12.53 -3.68 22.03
C LEU B 351 -11.92 -4.30 23.27
N ILE B 352 -11.33 -5.49 23.10
CA ILE B 352 -10.62 -6.15 24.17
C ILE B 352 -9.14 -6.14 23.88
N VAL B 353 -8.43 -5.26 24.54
CA VAL B 353 -6.98 -5.17 24.43
C VAL B 353 -6.26 -5.96 25.51
N VAL B 354 -5.20 -6.68 25.13
CA VAL B 354 -4.44 -7.49 26.11
C VAL B 354 -2.98 -7.23 25.99
N SER B 355 -2.27 -7.40 27.10
CA SER B 355 -0.85 -7.09 27.12
C SER B 355 -0.11 -7.88 28.19
N ASN B 356 1.20 -7.65 28.20
CA ASN B 356 2.12 -8.15 29.20
C ASN B 356 2.05 -9.51 28.59
N ASN B 357 2.06 -10.55 29.41
CA ASN B 357 2.82 -11.79 29.59
C ASN B 357 2.58 -12.71 28.41
N ILE B 358 2.71 -12.18 27.19
CA ILE B 358 1.94 -12.71 26.07
C ILE B 358 2.77 -13.78 25.38
N ASP B 359 4.09 -13.68 25.48
CA ASP B 359 4.93 -14.02 24.36
C ASP B 359 4.97 -15.55 24.19
N GLU B 360 5.46 -16.01 23.03
CA GLU B 360 4.59 -16.54 21.97
C GLU B 360 3.81 -17.72 22.46
N GLU B 361 2.72 -18.04 21.78
CA GLU B 361 1.64 -18.82 22.37
C GLU B 361 1.54 -18.52 23.88
N ALA B 362 1.09 -17.31 24.21
CA ALA B 362 -0.29 -16.94 23.99
C ALA B 362 -0.41 -16.48 22.54
N LEU B 363 0.57 -15.68 22.10
CA LEU B 363 0.47 -14.83 20.91
C LEU B 363 -0.35 -15.49 19.81
N ALA B 364 0.02 -16.72 19.47
CA ALA B 364 -0.54 -17.38 18.33
C ALA B 364 -2.00 -17.73 18.54
N ARG B 365 -2.38 -18.17 19.73
CA ARG B 365 -3.77 -18.56 19.93
C ARG B 365 -4.71 -17.37 20.18
N LEU B 366 -4.20 -16.29 20.74
CA LEU B 366 -4.94 -15.05 20.80
C LEU B 366 -5.12 -14.37 19.46
N ALA B 367 -4.26 -14.65 18.50
CA ALA B 367 -4.47 -14.26 17.09
C ALA B 367 -5.40 -15.22 16.29
N GLN B 368 -5.73 -16.35 16.91
CA GLN B 368 -6.45 -17.44 16.29
C GLN B 368 -7.94 -17.13 16.41
N GLU B 369 -8.66 -17.93 17.19
CA GLU B 369 -9.31 -19.14 16.68
C GLU B 369 -10.69 -18.83 16.04
N GLY B 370 -11.22 -17.63 16.30
CA GLY B 370 -12.34 -17.43 17.23
C GLY B 370 -12.02 -16.72 18.54
N SER B 371 -10.86 -16.05 18.57
CA SER B 371 -10.35 -15.44 19.78
C SER B 371 -11.01 -14.07 19.95
N GLU B 372 -11.46 -13.76 21.16
CA GLU B 372 -12.24 -12.53 21.38
C GLU B 372 -11.40 -11.28 21.60
N VAL B 373 -10.09 -11.47 21.73
CA VAL B 373 -9.09 -10.39 21.67
C VAL B 373 -9.14 -9.67 20.33
N ASN B 374 -9.01 -8.35 20.37
CA ASN B 374 -8.88 -7.55 19.17
C ASN B 374 -7.55 -6.94 19.01
N VAL B 375 -6.90 -6.60 20.11
CA VAL B 375 -5.67 -5.84 20.04
C VAL B 375 -4.77 -6.39 21.11
N ILE B 376 -3.48 -6.51 20.77
CA ILE B 376 -2.46 -7.21 21.56
C ILE B 376 -1.25 -6.29 21.66
N GLY B 377 -1.01 -5.71 22.83
CA GLY B 377 0.18 -4.90 23.05
C GLY B 377 1.48 -5.70 23.19
N ILE B 378 2.54 -5.21 22.53
CA ILE B 378 3.66 -6.03 22.10
C ILE B 378 3.16 -7.44 21.73
N SER B 390 21.65 -10.76 17.74
CA SER B 390 22.80 -10.51 16.85
C SER B 390 22.62 -10.98 15.39
N LEU B 391 22.75 -10.02 14.47
CA LEU B 391 23.51 -10.22 13.22
C LEU B 391 25.00 -9.96 13.39
N GLY B 392 25.74 -10.46 12.41
CA GLY B 392 27.18 -10.42 12.49
C GLY B 392 27.71 -9.36 11.59
N GLY B 393 27.35 -8.10 11.90
CA GLY B 393 27.49 -6.98 10.98
C GLY B 393 28.94 -6.53 10.87
N VAL B 394 29.38 -6.21 9.65
CA VAL B 394 30.80 -6.20 9.31
C VAL B 394 30.99 -5.14 8.26
N TYR B 395 31.91 -4.20 8.47
CA TYR B 395 32.26 -3.16 7.47
C TYR B 395 33.70 -3.29 6.99
N LYS B 396 33.84 -3.78 5.75
CA LYS B 396 35.11 -4.25 5.19
C LYS B 396 35.46 -3.49 3.96
N LEU B 397 36.69 -3.05 3.88
CA LEU B 397 37.32 -2.60 2.66
C LEU B 397 37.44 -3.75 1.66
N VAL B 398 36.95 -3.51 0.46
CA VAL B 398 37.00 -4.50 -0.60
C VAL B 398 37.83 -4.01 -1.77
N ALA B 399 37.99 -2.70 -1.92
CA ALA B 399 38.94 -2.19 -2.87
C ALA B 399 39.44 -0.81 -2.49
N VAL B 400 40.71 -0.59 -2.76
CA VAL B 400 41.32 0.75 -2.66
C VAL B 400 42.02 1.01 -3.98
N GLY B 401 42.13 2.29 -4.33
CA GLY B 401 42.73 2.70 -5.59
C GLY B 401 42.28 1.86 -6.75
N GLY B 402 40.98 1.54 -6.79
CA GLY B 402 40.43 0.59 -7.77
C GLY B 402 41.16 -0.74 -7.99
N GLN B 403 42.09 -1.11 -7.10
CA GLN B 403 42.54 -2.50 -6.94
C GLN B 403 41.82 -3.18 -5.79
N PRO B 404 41.38 -4.45 -5.97
CA PRO B 404 40.73 -5.32 -4.98
C PRO B 404 41.54 -5.60 -3.74
N ARG B 405 40.91 -6.24 -2.75
CA ARG B 405 41.53 -6.45 -1.44
C ARG B 405 40.84 -7.60 -0.74
N MET B 406 41.57 -8.60 -0.29
CA MET B 406 40.94 -9.84 0.22
C MET B 406 41.02 -10.14 1.76
N LYS B 407 42.17 -10.53 2.27
CA LYS B 407 42.19 -11.15 3.58
C LYS B 407 42.87 -10.19 4.59
N GLN B 415 37.46 -15.63 2.89
CA GLN B 415 36.17 -15.53 3.61
C GLN B 415 35.54 -14.14 3.52
N THR B 416 36.06 -13.23 2.72
CA THR B 416 35.26 -12.10 2.28
C THR B 416 35.79 -11.56 0.99
N LEU B 417 34.89 -11.24 0.09
CA LEU B 417 35.19 -11.30 -1.31
C LEU B 417 35.59 -9.95 -1.80
N PRO B 418 36.54 -9.95 -2.74
CA PRO B 418 37.31 -8.79 -3.16
C PRO B 418 36.60 -7.95 -4.19
N GLY B 419 37.00 -6.69 -4.25
CA GLY B 419 36.61 -5.85 -5.33
C GLY B 419 35.19 -5.38 -5.19
N SER B 420 34.85 -4.50 -6.12
CA SER B 420 33.63 -3.71 -6.11
C SER B 420 32.56 -4.44 -6.92
N LYS B 421 31.45 -4.73 -6.26
CA LYS B 421 30.60 -5.81 -6.70
C LYS B 421 29.24 -5.26 -7.06
N ALA B 422 28.54 -5.97 -7.91
CA ALA B 422 27.13 -5.81 -8.15
C ALA B 422 26.38 -7.02 -7.69
N ALA B 423 25.18 -6.80 -7.17
CA ALA B 423 24.39 -7.83 -6.53
C ALA B 423 22.96 -7.93 -7.11
N PHE B 424 22.44 -9.17 -7.15
CA PHE B 424 21.23 -9.50 -7.92
C PHE B 424 20.45 -10.67 -7.40
N ARG B 425 19.18 -10.50 -7.14
CA ARG B 425 18.37 -11.58 -6.63
C ARG B 425 17.67 -12.32 -7.76
N LEU B 426 17.96 -13.62 -7.88
CA LEU B 426 17.37 -14.43 -8.94
C LEU B 426 16.12 -15.08 -8.43
N LEU B 427 15.00 -14.84 -9.10
CA LEU B 427 13.70 -15.28 -8.67
C LEU B 427 13.15 -16.36 -9.50
N GLY B 428 12.25 -17.12 -8.92
CA GLY B 428 11.69 -18.26 -9.57
C GLY B 428 10.43 -17.83 -10.20
N SER B 429 9.84 -18.74 -10.94
CA SER B 429 8.67 -18.51 -11.73
C SER B 429 7.50 -18.09 -10.93
N ASP B 430 7.49 -18.52 -9.69
CA ASP B 430 6.43 -18.28 -8.70
C ASP B 430 6.53 -16.96 -7.91
N GLY B 431 7.61 -16.24 -8.08
CA GLY B 431 7.77 -14.94 -7.46
C GLY B 431 8.88 -14.90 -6.41
N SER B 432 9.41 -16.04 -6.05
CA SER B 432 10.09 -16.18 -4.79
C SER B 432 11.61 -16.38 -4.99
N PRO B 433 12.42 -15.75 -4.15
CA PRO B 433 13.84 -15.74 -4.46
C PRO B 433 14.45 -17.14 -4.40
N LEU B 434 15.40 -17.40 -5.30
CA LEU B 434 16.14 -18.65 -5.38
C LEU B 434 17.45 -18.54 -4.65
N MET B 435 18.07 -17.37 -4.87
CA MET B 435 19.49 -17.16 -4.62
C MET B 435 19.83 -15.74 -4.99
N ASP B 436 20.79 -15.17 -4.25
CA ASP B 436 21.38 -13.90 -4.58
C ASP B 436 22.69 -14.20 -5.27
N MET B 437 23.09 -13.33 -6.19
CA MET B 437 24.26 -13.53 -7.02
C MET B 437 25.14 -12.32 -6.96
N LEU B 438 26.42 -12.54 -6.68
CA LEU B 438 27.35 -11.43 -6.68
C LEU B 438 28.21 -11.48 -7.92
N GLN B 439 28.53 -10.32 -8.45
CA GLN B 439 29.33 -10.24 -9.65
C GLN B 439 30.07 -8.91 -9.69
N LEU B 440 30.92 -8.73 -10.69
CA LEU B 440 31.69 -7.52 -10.76
C LEU B 440 30.88 -6.32 -11.28
N ALA B 441 31.37 -5.15 -10.92
CA ALA B 441 30.76 -3.88 -11.26
C ALA B 441 30.86 -3.61 -12.77
N GLU B 442 31.99 -4.00 -13.37
CA GLU B 442 32.17 -4.02 -14.84
C GLU B 442 31.15 -4.88 -15.61
N GLU B 443 30.81 -6.03 -15.07
CA GLU B 443 30.10 -7.03 -15.84
C GLU B 443 28.77 -6.50 -16.41
N PRO B 444 28.32 -7.06 -17.52
CA PRO B 444 26.92 -6.96 -17.82
C PRO B 444 26.04 -7.75 -16.86
N VAL B 445 24.74 -7.56 -17.02
CA VAL B 445 23.81 -7.42 -15.93
C VAL B 445 22.95 -8.69 -15.77
N PRO B 446 21.78 -8.78 -16.45
CA PRO B 446 20.68 -9.57 -15.89
C PRO B 446 20.54 -10.80 -16.77
N GLN B 447 19.33 -11.39 -16.85
CA GLN B 447 18.25 -10.99 -17.77
C GLN B 447 16.97 -11.83 -17.50
N ALA B 448 17.02 -13.12 -17.79
CA ALA B 448 15.81 -14.02 -17.91
C ALA B 448 15.96 -15.15 -18.98
N GLY B 449 17.07 -15.11 -19.75
CA GLY B 449 17.98 -16.28 -19.97
C GLY B 449 19.06 -16.53 -18.91
N GLN B 450 19.92 -17.51 -19.15
CA GLN B 450 20.47 -18.34 -18.08
C GLN B 450 21.98 -18.27 -17.95
N GLU B 451 22.52 -18.73 -16.82
CA GLU B 451 23.91 -18.43 -16.39
C GLU B 451 24.66 -19.63 -15.81
N LEU B 452 25.93 -19.81 -16.20
CA LEU B 452 26.93 -20.48 -15.33
C LEU B 452 27.36 -19.52 -14.21
N ARG B 453 27.86 -20.09 -13.13
CA ARG B 453 27.43 -19.67 -11.80
C ARG B 453 28.05 -20.64 -10.77
N VAL B 454 28.97 -20.17 -9.93
CA VAL B 454 29.78 -21.08 -9.11
C VAL B 454 29.31 -20.98 -7.64
N TRP B 455 28.52 -21.97 -7.20
CA TRP B 455 27.95 -21.98 -5.85
C TRP B 455 29.12 -22.21 -4.90
N PRO B 456 29.09 -21.64 -3.68
CA PRO B 456 30.34 -21.49 -2.90
C PRO B 456 30.66 -22.55 -1.84
N PRO B 457 29.64 -23.27 -1.30
CA PRO B 457 29.83 -24.72 -1.22
C PRO B 457 30.30 -25.38 -2.55
N GLY B 458 29.38 -25.92 -3.37
CA GLY B 458 29.73 -26.98 -4.31
C GLY B 458 30.70 -26.48 -5.38
N ALA B 459 31.83 -25.96 -4.94
CA ALA B 459 32.61 -24.97 -5.70
C ALA B 459 33.68 -25.74 -6.44
N GLN B 460 33.25 -26.83 -7.09
CA GLN B 460 34.11 -27.70 -7.86
C GLN B 460 33.86 -27.45 -9.34
N GLU B 461 32.61 -27.54 -9.77
CA GLU B 461 32.14 -26.91 -11.02
C GLU B 461 30.85 -26.06 -10.82
N PRO B 462 30.45 -25.29 -11.85
CA PRO B 462 29.28 -24.42 -11.78
C PRO B 462 27.92 -25.07 -12.05
N CYS B 463 26.87 -24.38 -11.62
CA CYS B 463 25.56 -24.50 -12.24
C CYS B 463 25.48 -23.67 -13.45
N THR B 464 24.62 -24.14 -14.35
CA THR B 464 23.71 -23.31 -15.10
C THR B 464 22.40 -23.11 -14.38
N VAL B 465 21.92 -21.86 -14.39
CA VAL B 465 20.65 -21.52 -13.80
C VAL B 465 19.92 -20.59 -14.72
N ARG B 466 18.59 -20.73 -14.81
CA ARG B 466 17.75 -19.87 -15.64
C ARG B 466 16.59 -19.18 -14.89
N PRO B 467 16.87 -17.97 -14.39
CA PRO B 467 15.93 -17.29 -13.51
C PRO B 467 14.77 -16.67 -14.27
N ALA B 468 13.59 -16.68 -13.67
CA ALA B 468 12.45 -16.01 -14.25
C ALA B 468 12.65 -14.52 -14.26
N GLN B 469 12.98 -13.94 -13.09
CA GLN B 469 13.41 -12.53 -12.98
C GLN B 469 14.75 -12.35 -12.31
N VAL B 470 15.33 -11.18 -12.49
CA VAL B 470 16.69 -10.93 -12.05
C VAL B 470 16.84 -9.50 -11.56
N GLU B 471 16.28 -9.23 -10.38
CA GLU B 471 16.12 -7.86 -9.91
C GLU B 471 17.42 -7.50 -9.16
N PRO B 472 18.05 -6.36 -9.49
CA PRO B 472 19.29 -5.90 -8.80
C PRO B 472 18.96 -5.39 -7.43
N LEU B 473 19.96 -5.09 -6.61
CA LEU B 473 19.68 -5.06 -5.17
C LEU B 473 20.03 -3.71 -4.57
N LEU B 474 21.28 -3.32 -4.74
CA LEU B 474 21.73 -2.13 -4.11
C LEU B 474 21.47 -1.04 -5.11
N ARG B 475 20.65 -0.08 -4.70
CA ARG B 475 20.43 1.09 -5.49
C ARG B 475 21.21 2.30 -5.02
N LEU B 476 21.44 3.22 -5.94
CA LEU B 476 22.20 4.42 -5.68
C LEU B 476 21.42 5.35 -4.75
N CYS B 477 21.91 5.56 -3.53
CA CYS B 477 21.29 6.51 -2.61
C CYS B 477 21.91 7.90 -2.64
N LEU B 478 23.21 7.98 -2.87
CA LEU B 478 23.94 9.21 -2.65
C LEU B 478 25.20 9.22 -3.48
N GLN B 479 25.41 10.29 -4.25
CA GLN B 479 26.60 10.45 -5.08
C GLN B 479 27.16 11.82 -4.83
N GLN B 480 28.44 11.86 -4.47
CA GLN B 480 29.17 13.09 -4.18
C GLN B 480 28.38 13.97 -3.21
N GLY B 481 27.85 13.35 -2.16
CA GLY B 481 27.26 14.08 -1.05
C GLY B 481 25.87 14.62 -1.29
N GLN B 482 25.30 14.31 -2.46
CA GLN B 482 24.01 14.83 -2.85
C GLN B 482 23.13 13.65 -3.13
N LEU B 483 21.92 13.65 -2.54
CA LEU B 483 21.01 12.51 -2.65
C LEU B 483 20.69 12.26 -4.11
N CYS B 484 20.75 11.01 -4.53
CA CYS B 484 20.27 10.68 -5.86
C CYS B 484 18.79 10.04 -5.79
N GLU B 485 18.19 10.00 -4.59
CA GLU B 485 16.74 9.66 -4.47
C GLU B 485 15.97 10.30 -3.32
N PRO B 486 14.68 10.61 -3.54
CA PRO B 486 13.91 11.04 -2.38
C PRO B 486 13.62 9.88 -1.51
N LEU B 487 13.23 10.17 -0.29
CA LEU B 487 13.14 9.15 0.72
C LEU B 487 11.72 8.63 0.91
N PRO B 488 11.59 7.30 0.94
CA PRO B 488 10.27 6.69 1.01
C PRO B 488 9.59 7.09 2.28
N SER B 489 8.27 7.06 2.27
CA SER B 489 7.52 6.93 3.48
C SER B 489 7.77 5.52 3.95
N LEU B 490 7.95 5.39 5.27
CA LEU B 490 7.62 4.19 6.03
C LEU B 490 6.49 3.36 5.48
N ALA B 491 5.42 3.99 5.01
CA ALA B 491 4.31 3.22 4.50
C ALA B 491 4.71 2.55 3.18
N GLU B 492 5.47 3.24 2.33
CA GLU B 492 6.12 2.55 1.20
C GLU B 492 7.02 1.44 1.65
N SER B 493 8.07 1.81 2.37
CA SER B 493 8.97 0.83 2.90
C SER B 493 8.22 -0.36 3.52
N ARG B 494 7.18 -0.08 4.30
CA ARG B 494 6.45 -1.11 5.02
C ARG B 494 5.70 -2.01 4.07
N ALA B 495 5.15 -1.43 3.02
CA ALA B 495 4.42 -2.23 2.08
C ALA B 495 5.38 -3.16 1.35
N LEU B 496 6.63 -2.75 1.21
CA LEU B 496 7.56 -3.50 0.41
C LEU B 496 7.99 -4.71 1.19
N ALA B 497 8.15 -4.51 2.49
CA ALA B 497 8.45 -5.59 3.39
C ALA B 497 7.35 -6.66 3.36
N GLN B 498 6.08 -6.22 3.45
CA GLN B 498 4.97 -7.15 3.60
C GLN B 498 4.91 -7.91 2.29
N LEU B 499 5.13 -7.20 1.21
CA LEU B 499 5.25 -7.84 -0.09
C LEU B 499 6.33 -8.90 -0.09
N SER B 500 7.56 -8.52 0.29
CA SER B 500 8.75 -9.38 0.22
C SER B 500 8.59 -10.64 1.06
N LEU B 501 7.93 -10.52 2.20
CA LEU B 501 7.74 -11.65 3.06
C LEU B 501 6.69 -12.57 2.48
N SER B 502 5.66 -12.01 1.87
CA SER B 502 4.59 -12.83 1.32
C SER B 502 5.08 -13.69 0.15
N ARG B 503 6.10 -13.17 -0.56
CA ARG B 503 6.65 -13.80 -1.77
C ARG B 503 7.78 -14.75 -1.41
N LEU B 504 8.31 -14.63 -0.21
CA LEU B 504 9.38 -15.51 0.30
C LEU B 504 8.95 -16.94 0.63
N SER B 505 9.78 -17.89 0.22
CA SER B 505 9.47 -19.30 0.36
C SER B 505 9.27 -19.70 1.83
N PRO B 506 8.16 -20.39 2.14
CA PRO B 506 7.94 -21.16 3.38
C PRO B 506 9.18 -21.72 4.08
N GLU B 507 10.04 -22.37 3.30
CA GLU B 507 11.23 -22.99 3.86
C GLU B 507 12.21 -21.96 4.38
N HIS B 508 12.20 -20.76 3.78
CA HIS B 508 13.05 -19.64 4.25
C HIS B 508 12.40 -18.70 5.25
N ARG B 509 11.13 -18.94 5.53
CA ARG B 509 10.36 -18.14 6.47
C ARG B 509 10.21 -18.84 7.86
N ARG B 510 10.32 -20.17 7.86
CA ARG B 510 10.50 -20.95 9.08
C ARG B 510 11.28 -20.21 10.14
N LEU B 511 10.71 -20.12 11.33
CA LEU B 511 11.26 -19.33 12.41
C LEU B 511 12.56 -19.98 12.89
N ARG B 512 12.57 -21.31 13.02
CA ARG B 512 13.80 -22.05 13.39
C ARG B 512 14.14 -22.97 12.25
N SER B 513 15.43 -23.22 12.04
CA SER B 513 15.91 -24.26 11.13
C SER B 513 15.34 -24.13 9.72
N PRO B 514 15.37 -22.92 9.15
CA PRO B 514 14.99 -22.76 7.78
C PRO B 514 16.00 -23.37 6.83
N ALA B 515 15.59 -23.47 5.58
CA ALA B 515 16.50 -23.82 4.53
C ALA B 515 17.54 -22.74 4.39
N GLN B 516 18.59 -23.13 3.70
CA GLN B 516 19.71 -22.28 3.44
C GLN B 516 19.32 -21.37 2.27
N TYR B 517 20.14 -20.39 2.00
CA TYR B 517 19.86 -19.53 0.90
C TYR B 517 21.19 -19.28 0.30
N GLN B 518 21.34 -19.63 -0.97
CA GLN B 518 22.58 -19.44 -1.69
C GLN B 518 22.83 -18.00 -2.00
N VAL B 519 24.01 -17.51 -1.62
CA VAL B 519 24.77 -16.57 -2.42
C VAL B 519 25.78 -17.32 -3.30
N VAL B 520 26.03 -16.82 -4.49
CA VAL B 520 26.86 -17.56 -5.42
C VAL B 520 27.58 -16.58 -6.38
N LEU B 521 28.58 -17.03 -7.11
CA LEU B 521 29.46 -16.08 -7.82
C LEU B 521 29.38 -16.20 -9.35
N SER B 522 29.36 -15.05 -9.99
CA SER B 522 29.77 -14.89 -11.37
C SER B 522 31.12 -15.58 -11.65
N GLU B 523 31.38 -15.82 -12.92
CA GLU B 523 32.52 -16.61 -13.36
C GLU B 523 33.75 -15.74 -13.23
N ARG B 524 33.55 -14.45 -13.44
CA ARG B 524 34.66 -13.51 -13.53
C ARG B 524 35.06 -13.05 -12.15
N LEU B 525 34.10 -13.03 -11.25
CA LEU B 525 34.38 -12.97 -9.83
C LEU B 525 35.11 -14.24 -9.37
N GLN B 526 34.49 -15.41 -9.54
CA GLN B 526 35.13 -16.65 -9.08
C GLN B 526 36.58 -16.66 -9.52
N ALA B 527 36.86 -16.15 -10.71
CA ALA B 527 38.21 -16.06 -11.26
C ALA B 527 39.13 -15.04 -10.62
N LEU B 528 38.58 -13.93 -10.18
CA LEU B 528 39.30 -13.00 -9.30
C LEU B 528 39.59 -13.58 -7.91
N VAL B 529 38.64 -14.33 -7.37
CA VAL B 529 38.82 -15.03 -6.10
C VAL B 529 39.94 -16.05 -6.21
N ASN B 530 39.98 -16.77 -7.32
CA ASN B 530 41.08 -17.73 -7.58
C ASN B 530 42.41 -17.09 -7.89
N SER B 531 42.37 -15.96 -8.61
CA SER B 531 43.53 -15.10 -8.81
C SER B 531 44.08 -14.74 -7.46
N LEU B 532 43.22 -14.24 -6.58
CA LEU B 532 43.63 -13.85 -5.24
C LEU B 532 43.56 -15.03 -4.27
N CYS B 533 44.49 -15.93 -4.50
CA CYS B 533 44.60 -17.27 -4.00
C CYS B 533 43.57 -17.72 -3.03
N ALA B 534 42.36 -17.90 -3.54
CA ALA B 534 41.18 -18.33 -2.81
C ALA B 534 41.24 -18.46 -1.36
#